data_1YS4
#
_entry.id   1YS4
#
_cell.length_a   95.254
_cell.length_b   95.254
_cell.length_c   297.957
_cell.angle_alpha   90.00
_cell.angle_beta   90.00
_cell.angle_gamma   90.00
#
_symmetry.space_group_name_H-M   'P 43 21 2'
#
loop_
_entity.id
_entity.type
_entity.pdbx_description
1 polymer 'Aspartate-semialdehyde dehydrogenase'
2 non-polymer 'NADP NICOTINAMIDE-ADENINE-DINUCLEOTIDE PHOSPHATE'
3 non-polymer 'MALONIC ACID'
4 water water
#
_entity_poly.entity_id   1
_entity_poly.type   'polypeptide(L)'
_entity_poly.pdbx_seq_one_letter_code
;MSKGEK(MSE)KIKVGVLGATGSVGQRFVQLLADHP(MSE)FELTALAASERSAGKKYKDACYWFQDRDIPENIKD
(MSE)VVIPTDPKHEEFEDVDIVFSALPSDLAKKFEPEFAKEGKLIFSNASAYR(MSE)EEDVPLVIPEVNADHLELIEI
QREKRGWDGAIITNPNCSTICAVITLKPI(MSE)DKFGLEAVFIAT(MSE)QAVSGAGYNGVPS(MSE)AILDNLIPFIK
NEEEK(MSE)QTESLKLLGTLKDGKVELANFKISASCNRVAVIDGHTESIFVKTKEGAEPEEIKEV(MSE)DKFDPLKDL
NLPTYAKPIVIREEIDRPQPRLDRNEGNG(MSE)SIVVGRIRKDPIFDVKYTALEHNTIRGAAGASVLNAEYFVKKYI
;
_entity_poly.pdbx_strand_id   A,B
#
# COMPACT_ATOMS: atom_id res chain seq x y z
N LYS A 8 28.47 -29.57 13.26
CA LYS A 8 28.69 -29.51 11.81
C LYS A 8 27.82 -30.53 11.06
N ILE A 9 26.52 -30.41 11.25
CA ILE A 9 25.54 -31.22 10.53
C ILE A 9 25.51 -30.79 9.06
N LYS A 10 25.73 -31.74 8.17
CA LYS A 10 25.89 -31.44 6.74
C LYS A 10 24.56 -31.17 6.05
N VAL A 11 24.46 -29.99 5.43
CA VAL A 11 23.24 -29.55 4.76
C VAL A 11 23.46 -29.24 3.28
N GLY A 12 22.38 -29.34 2.51
CA GLY A 12 22.38 -28.98 1.11
C GLY A 12 21.36 -27.90 0.83
N VAL A 13 21.53 -27.21 -0.30
CA VAL A 13 20.56 -26.22 -0.75
C VAL A 13 20.15 -26.50 -2.19
N LEU A 14 18.84 -26.66 -2.41
CA LEU A 14 18.27 -26.80 -3.74
C LEU A 14 17.87 -25.41 -4.24
N GLY A 15 18.21 -25.12 -5.50
CA GLY A 15 17.97 -23.80 -6.08
C GLY A 15 18.84 -22.76 -5.41
N ALA A 16 20.12 -23.10 -5.23
CA ALA A 16 21.05 -22.30 -4.42
C ALA A 16 21.47 -20.96 -5.04
N THR A 17 21.31 -20.83 -6.36
CA THR A 17 21.77 -19.64 -7.09
C THR A 17 20.75 -18.50 -7.15
N GLY A 18 19.47 -18.82 -6.93
CA GLY A 18 18.39 -17.84 -7.02
C GLY A 18 18.29 -16.90 -5.83
N SER A 19 17.22 -16.13 -5.79
CA SER A 19 17.04 -15.10 -4.76
C SER A 19 17.03 -15.67 -3.33
N VAL A 20 16.20 -16.69 -3.08
CA VAL A 20 16.14 -17.32 -1.76
C VAL A 20 17.36 -18.18 -1.50
N GLY A 21 17.85 -18.84 -2.55
CA GLY A 21 19.08 -19.62 -2.48
C GLY A 21 20.26 -18.84 -1.93
N GLN A 22 20.38 -17.57 -2.34
CA GLN A 22 21.47 -16.70 -1.89
C GLN A 22 21.36 -16.35 -0.41
N ARG A 23 20.13 -16.22 0.08
CA ARG A 23 19.91 -15.96 1.49
C ARG A 23 20.17 -17.21 2.33
N PHE A 24 19.85 -18.39 1.77
CA PHE A 24 20.20 -19.67 2.39
C PHE A 24 21.71 -19.74 2.58
N VAL A 25 22.44 -19.46 1.50
CA VAL A 25 23.91 -19.45 1.49
C VAL A 25 24.48 -18.52 2.55
N GLN A 26 23.96 -17.29 2.63
CA GLN A 26 24.39 -16.33 3.65
C GLN A 26 24.20 -16.88 5.05
N LEU A 27 23.04 -17.51 5.30
CA LEU A 27 22.69 -18.03 6.62
C LEU A 27 23.48 -19.27 7.01
N LEU A 28 23.81 -20.10 6.01
CA LEU A 28 24.40 -21.41 6.27
C LEU A 28 25.92 -21.48 6.13
N ALA A 29 26.52 -20.44 5.55
CA ALA A 29 27.96 -20.41 5.31
C ALA A 29 28.78 -20.48 6.61
N ASP A 30 28.31 -19.75 7.62
CA ASP A 30 28.98 -19.70 8.91
C ASP A 30 27.94 -19.88 10.01
N HIS A 31 27.47 -21.13 10.13
CA HIS A 31 26.39 -21.50 11.03
C HIS A 31 26.95 -22.41 12.13
N PRO A 32 26.53 -22.21 13.39
CA PRO A 32 27.08 -23.01 14.49
C PRO A 32 26.52 -24.44 14.61
N PHE A 34 24.93 -26.11 11.33
CA PHE A 34 24.92 -26.67 10.00
C PHE A 34 26.16 -26.28 9.21
N GLU A 35 26.70 -27.23 8.46
CA GLU A 35 27.77 -26.95 7.52
C GLU A 35 27.27 -27.18 6.10
N LEU A 36 27.41 -26.14 5.27
CA LEU A 36 26.95 -26.18 3.89
C LEU A 36 27.94 -26.99 3.06
N THR A 37 27.48 -28.13 2.53
CA THR A 37 28.38 -29.02 1.80
C THR A 37 27.93 -29.32 0.37
N ALA A 38 26.63 -29.14 0.10
CA ALA A 38 26.09 -29.37 -1.24
C ALA A 38 25.27 -28.18 -1.73
N LEU A 39 25.56 -27.74 -2.95
CA LEU A 39 24.83 -26.65 -3.59
C LEU A 39 24.26 -27.13 -4.92
N ALA A 40 22.94 -27.26 -4.99
CA ALA A 40 22.29 -27.76 -6.20
C ALA A 40 21.56 -26.67 -6.98
N ALA A 41 21.63 -26.79 -8.31
CA ALA A 41 20.92 -25.88 -9.23
C ALA A 41 20.65 -26.61 -10.55
N SER A 42 20.39 -25.85 -11.62
CA SER A 42 20.15 -26.42 -12.95
C SER A 42 21.43 -26.96 -13.56
N GLU A 43 21.30 -27.72 -14.65
CA GLU A 43 22.45 -28.31 -15.34
C GLU A 43 23.36 -27.25 -15.98
N ARG A 44 22.79 -26.07 -16.28
CA ARG A 44 23.56 -24.90 -16.71
C ARG A 44 24.59 -24.49 -15.66
N SER A 45 24.19 -24.53 -14.39
CA SER A 45 25.06 -24.14 -13.28
C SER A 45 25.99 -25.26 -12.81
N ALA A 46 25.58 -26.50 -13.01
CA ALA A 46 26.33 -27.67 -12.54
C ALA A 46 27.73 -27.71 -13.14
N GLY A 47 28.73 -27.87 -12.27
CA GLY A 47 30.13 -27.90 -12.69
C GLY A 47 30.87 -26.62 -12.39
N LYS A 48 30.13 -25.51 -12.30
CA LYS A 48 30.71 -24.20 -12.04
C LYS A 48 30.91 -23.95 -10.54
N LYS A 49 31.89 -23.11 -10.23
CA LYS A 49 32.02 -22.55 -8.89
C LYS A 49 30.82 -21.64 -8.64
N TYR A 50 30.32 -21.64 -7.41
CA TYR A 50 29.12 -20.88 -7.05
C TYR A 50 29.20 -19.41 -7.51
N LYS A 51 30.36 -18.80 -7.34
CA LYS A 51 30.58 -17.40 -7.73
C LYS A 51 30.34 -17.15 -9.23
N ASP A 52 30.63 -18.15 -10.05
CA ASP A 52 30.44 -18.05 -11.50
C ASP A 52 29.02 -18.41 -11.93
N ALA A 53 28.44 -19.43 -11.28
CA ALA A 53 27.09 -19.89 -11.59
C ALA A 53 25.99 -18.92 -11.12
N CYS A 54 26.23 -18.29 -9.98
CA CYS A 54 25.25 -17.38 -9.38
C CYS A 54 25.50 -15.91 -9.74
N TYR A 55 24.47 -15.23 -10.23
CA TYR A 55 24.53 -13.78 -10.34
C TYR A 55 24.14 -13.20 -8.98
N TRP A 56 25.15 -13.03 -8.14
CA TRP A 56 25.00 -12.57 -6.77
C TRP A 56 24.58 -11.10 -6.74
N PHE A 57 23.49 -10.81 -6.04
CA PHE A 57 22.97 -9.44 -5.98
C PHE A 57 22.68 -8.94 -4.55
N GLN A 58 23.34 -9.56 -3.57
CA GLN A 58 23.23 -9.10 -2.18
C GLN A 58 24.23 -7.98 -1.88
N ASP A 59 23.85 -7.07 -0.97
CA ASP A 59 24.69 -5.92 -0.64
C ASP A 59 25.91 -6.27 0.24
N ARG A 60 26.02 -7.56 0.59
CA ARG A 60 27.23 -8.11 1.19
C ARG A 60 27.78 -9.19 0.26
N ASP A 61 29.10 -9.23 0.13
CA ASP A 61 29.77 -10.17 -0.78
C ASP A 61 29.48 -11.63 -0.42
N ILE A 62 29.61 -12.51 -1.41
CA ILE A 62 29.53 -13.95 -1.17
C ILE A 62 30.49 -14.32 -0.04
N PRO A 63 30.03 -15.11 0.94
CA PRO A 63 30.95 -15.62 1.97
C PRO A 63 32.13 -16.36 1.31
N GLU A 64 33.34 -16.07 1.78
CA GLU A 64 34.57 -16.55 1.14
C GLU A 64 34.65 -18.07 0.97
N ASN A 65 34.16 -18.81 1.96
CA ASN A 65 34.22 -20.27 1.96
C ASN A 65 33.30 -20.96 0.94
N ILE A 66 32.34 -20.20 0.41
CA ILE A 66 31.34 -20.74 -0.52
C ILE A 66 31.66 -20.40 -1.99
N LYS A 67 32.45 -19.34 -2.19
CA LYS A 67 32.78 -18.85 -3.54
C LYS A 67 33.25 -19.93 -4.51
N ASP A 68 34.23 -20.74 -4.09
CA ASP A 68 34.83 -21.74 -4.96
C ASP A 68 34.16 -23.12 -4.90
N VAL A 70 31.83 -26.02 -5.77
CA VAL A 70 31.29 -26.45 -7.06
C VAL A 70 29.82 -26.84 -6.96
N VAL A 71 29.00 -26.20 -7.80
CA VAL A 71 27.57 -26.50 -7.89
C VAL A 71 27.35 -27.88 -8.52
N ILE A 72 26.46 -28.65 -7.92
CA ILE A 72 26.13 -30.00 -8.38
C ILE A 72 24.70 -30.04 -8.95
N PRO A 73 24.38 -31.06 -9.78
CA PRO A 73 23.00 -31.20 -10.26
C PRO A 73 21.99 -31.52 -9.16
N THR A 74 20.72 -31.20 -9.41
CA THR A 74 19.65 -31.50 -8.47
C THR A 74 19.31 -33.00 -8.54
N ASP A 75 20.11 -33.79 -7.85
CA ASP A 75 20.00 -35.25 -7.87
C ASP A 75 20.29 -35.80 -6.47
N PRO A 76 19.28 -36.43 -5.83
CA PRO A 76 19.43 -36.92 -4.46
C PRO A 76 20.43 -38.07 -4.32
N LYS A 77 20.73 -38.74 -5.43
CA LYS A 77 21.68 -39.86 -5.47
C LYS A 77 23.13 -39.41 -5.59
N HIS A 78 23.35 -38.10 -5.79
CA HIS A 78 24.68 -37.54 -5.97
C HIS A 78 25.60 -37.81 -4.78
N GLU A 79 26.88 -38.00 -5.07
CA GLU A 79 27.91 -38.28 -4.07
C GLU A 79 27.96 -37.25 -2.93
N GLU A 80 27.70 -35.99 -3.26
CA GLU A 80 27.75 -34.89 -2.29
C GLU A 80 26.56 -34.88 -1.33
N PHE A 81 25.53 -35.67 -1.63
CA PHE A 81 24.34 -35.77 -0.79
C PHE A 81 24.33 -36.99 0.14
N GLU A 82 25.42 -37.76 0.15
CA GLU A 82 25.49 -39.02 0.90
C GLU A 82 25.36 -38.84 2.41
N ASP A 83 26.17 -37.94 2.97
CA ASP A 83 26.16 -37.68 4.41
C ASP A 83 25.19 -36.56 4.81
N VAL A 84 24.35 -36.14 3.86
CA VAL A 84 23.44 -35.01 4.05
C VAL A 84 22.02 -35.51 4.28
N ASP A 85 21.47 -35.20 5.46
CA ASP A 85 20.11 -35.57 5.82
C ASP A 85 19.15 -34.40 5.67
N ILE A 86 19.63 -33.20 5.99
CA ILE A 86 18.82 -31.99 5.92
C ILE A 86 19.10 -31.22 4.61
N VAL A 87 18.07 -31.09 3.79
CA VAL A 87 18.18 -30.39 2.53
C VAL A 87 17.18 -29.23 2.46
N PHE A 88 17.71 -28.03 2.26
CA PHE A 88 16.88 -26.83 2.13
C PHE A 88 16.50 -26.60 0.67
N SER A 89 15.25 -26.18 0.45
CA SER A 89 14.76 -26.00 -0.91
C SER A 89 14.28 -24.58 -1.21
N ALA A 90 14.88 -23.99 -2.24
CA ALA A 90 14.50 -22.69 -2.75
C ALA A 90 14.01 -22.83 -4.19
N LEU A 91 13.50 -24.02 -4.52
CA LEU A 91 13.04 -24.34 -5.87
C LEU A 91 11.72 -23.64 -6.20
N PRO A 92 11.51 -23.31 -7.49
CA PRO A 92 10.18 -22.89 -7.94
C PRO A 92 9.20 -24.06 -7.82
N SER A 93 7.93 -23.75 -7.58
CA SER A 93 6.90 -24.76 -7.28
C SER A 93 6.85 -25.97 -8.22
N ASP A 94 6.89 -25.74 -9.52
CA ASP A 94 6.79 -26.83 -10.51
C ASP A 94 7.97 -27.78 -10.46
N LEU A 95 9.15 -27.24 -10.16
CA LEU A 95 10.35 -28.06 -9.99
C LEU A 95 10.37 -28.74 -8.62
N ALA A 96 9.71 -28.12 -7.64
CA ALA A 96 9.59 -28.68 -6.31
C ALA A 96 8.72 -29.93 -6.30
N LYS A 97 7.64 -29.90 -7.10
CA LYS A 97 6.76 -31.05 -7.27
C LYS A 97 7.48 -32.28 -7.83
N LYS A 98 8.53 -32.02 -8.61
CA LYS A 98 9.32 -33.09 -9.21
C LYS A 98 10.41 -33.57 -8.24
N PHE A 99 11.22 -32.63 -7.74
CA PHE A 99 12.43 -32.97 -7.00
C PHE A 99 12.26 -33.28 -5.50
N GLU A 100 11.35 -32.57 -4.84
CA GLU A 100 11.17 -32.73 -3.39
C GLU A 100 10.72 -34.13 -2.94
N PRO A 101 9.73 -34.74 -3.65
CA PRO A 101 9.41 -36.15 -3.38
C PRO A 101 10.58 -37.11 -3.64
N GLU A 102 11.41 -36.81 -4.63
CA GLU A 102 12.61 -37.61 -4.93
C GLU A 102 13.60 -37.63 -3.76
N PHE A 103 13.76 -36.47 -3.12
CA PHE A 103 14.65 -36.32 -1.97
C PHE A 103 14.08 -36.97 -0.72
N ALA A 104 12.77 -36.84 -0.53
CA ALA A 104 12.08 -37.51 0.58
C ALA A 104 12.19 -39.03 0.49
N LYS A 105 12.09 -39.55 -0.73
CA LYS A 105 12.23 -40.99 -1.01
C LYS A 105 13.63 -41.52 -0.72
N GLU A 106 14.63 -40.65 -0.82
CA GLU A 106 16.01 -40.99 -0.46
C GLU A 106 16.29 -40.84 1.04
N GLY A 107 15.24 -40.56 1.81
CA GLY A 107 15.34 -40.48 3.27
C GLY A 107 15.82 -39.13 3.78
N LYS A 108 15.76 -38.12 2.92
CA LYS A 108 16.20 -36.78 3.30
C LYS A 108 15.04 -35.92 3.77
N LEU A 109 15.33 -35.04 4.72
CA LEU A 109 14.35 -34.07 5.20
C LEU A 109 14.43 -32.81 4.37
N ILE A 110 13.34 -32.50 3.67
CA ILE A 110 13.24 -31.31 2.85
C ILE A 110 12.61 -30.19 3.67
N PHE A 111 13.37 -29.10 3.84
CA PHE A 111 12.87 -27.87 4.44
C PHE A 111 12.69 -26.85 3.32
N SER A 112 11.44 -26.66 2.93
CA SER A 112 11.12 -26.03 1.65
C SER A 112 10.43 -24.68 1.77
N ASN A 113 10.86 -23.75 0.92
CA ASN A 113 10.20 -22.46 0.77
C ASN A 113 9.19 -22.47 -0.39
N ALA A 114 9.22 -23.52 -1.20
CA ALA A 114 8.30 -23.67 -2.34
C ALA A 114 6.85 -23.86 -1.89
N SER A 115 5.92 -23.31 -2.68
CA SER A 115 4.50 -23.36 -2.34
C SER A 115 3.85 -24.71 -2.65
N ALA A 116 4.56 -25.54 -3.43
CA ALA A 116 4.04 -26.80 -3.98
C ALA A 116 3.30 -27.68 -2.96
N TYR A 117 3.95 -27.98 -1.84
CA TYR A 117 3.40 -28.92 -0.86
C TYR A 117 2.79 -28.28 0.39
N ARG A 118 2.77 -26.95 0.43
CA ARG A 118 2.28 -26.21 1.59
C ARG A 118 0.88 -26.62 2.05
N GLU A 120 -0.85 -29.42 1.25
CA GLU A 120 -1.08 -30.85 1.40
C GLU A 120 -1.35 -31.14 2.87
N GLU A 121 -2.38 -31.94 3.13
CA GLU A 121 -2.86 -32.15 4.49
C GLU A 121 -1.90 -32.94 5.39
N ASP A 122 -0.97 -33.64 4.77
CA ASP A 122 0.05 -34.39 5.50
C ASP A 122 1.40 -33.67 5.52
N VAL A 123 1.44 -32.43 5.05
CA VAL A 123 2.66 -31.65 5.02
C VAL A 123 2.61 -30.50 6.02
N PRO A 124 3.58 -30.45 6.95
CA PRO A 124 3.64 -29.34 7.90
C PRO A 124 3.89 -28.00 7.19
N LEU A 125 3.08 -27.01 7.55
CA LEU A 125 3.27 -25.64 7.12
C LEU A 125 3.56 -24.83 8.38
N VAL A 126 4.84 -24.59 8.65
CA VAL A 126 5.27 -24.20 9.99
C VAL A 126 6.02 -22.86 10.12
N ILE A 127 5.61 -22.09 11.12
CA ILE A 127 6.41 -21.03 11.73
C ILE A 127 6.60 -21.47 13.18
N PRO A 128 7.86 -21.70 13.61
CA PRO A 128 8.11 -22.33 14.91
C PRO A 128 7.49 -21.63 16.12
N GLU A 129 7.37 -20.30 16.03
CA GLU A 129 6.76 -19.51 17.10
C GLU A 129 5.25 -19.70 17.18
N VAL A 130 4.67 -20.20 16.09
CA VAL A 130 3.21 -20.22 15.92
C VAL A 130 2.59 -21.62 16.03
N ASN A 131 3.11 -22.58 15.28
CA ASN A 131 2.50 -23.90 15.17
C ASN A 131 3.53 -25.03 15.05
N ALA A 132 4.52 -25.01 15.94
CA ALA A 132 5.58 -26.00 15.95
C ALA A 132 5.07 -27.45 16.08
N ASP A 133 3.92 -27.62 16.72
CA ASP A 133 3.31 -28.95 16.90
C ASP A 133 2.85 -29.59 15.59
N HIS A 134 2.63 -28.77 14.56
CA HIS A 134 2.23 -29.25 13.23
C HIS A 134 3.32 -30.08 12.56
N LEU A 135 4.54 -30.06 13.12
CA LEU A 135 5.63 -30.90 12.64
C LEU A 135 5.31 -32.40 12.76
N GLU A 136 4.43 -32.74 13.70
CA GLU A 136 3.94 -34.11 13.89
C GLU A 136 3.33 -34.72 12.62
N LEU A 137 2.89 -33.86 11.71
CA LEU A 137 2.29 -34.30 10.45
C LEU A 137 3.22 -35.16 9.59
N ILE A 138 4.53 -35.09 9.83
CA ILE A 138 5.49 -35.90 9.07
C ILE A 138 5.30 -37.41 9.30
N GLU A 139 4.79 -37.77 10.48
CA GLU A 139 4.51 -39.17 10.81
C GLU A 139 3.30 -39.69 10.02
N ILE A 140 2.29 -38.85 9.86
CA ILE A 140 1.15 -39.15 8.99
C ILE A 140 1.61 -39.18 7.53
N GLN A 141 2.51 -38.27 7.19
CA GLN A 141 3.08 -38.16 5.84
C GLN A 141 3.84 -39.41 5.42
N ARG A 142 4.67 -39.94 6.32
CA ARG A 142 5.43 -41.16 6.07
C ARG A 142 4.53 -42.39 5.87
N GLU A 143 3.43 -42.45 6.62
CA GLU A 143 2.40 -43.47 6.43
C GLU A 143 1.75 -43.40 5.05
N LYS A 144 1.23 -42.23 4.70
CA LYS A 144 0.52 -42.02 3.44
C LYS A 144 1.39 -42.15 2.19
N ARG A 145 2.57 -41.53 2.21
CA ARG A 145 3.41 -41.42 1.02
C ARG A 145 4.37 -42.60 0.87
N GLY A 146 4.67 -43.26 1.98
CA GLY A 146 5.53 -44.45 1.97
C GLY A 146 7.01 -44.17 1.81
N TRP A 147 7.44 -42.95 2.13
CA TRP A 147 8.86 -42.63 2.17
C TRP A 147 9.35 -42.44 3.61
N ASP A 148 10.66 -42.52 3.81
CA ASP A 148 11.24 -42.39 5.15
C ASP A 148 11.83 -41.02 5.46
N GLY A 149 11.90 -40.17 4.43
CA GLY A 149 12.23 -38.75 4.61
C GLY A 149 10.96 -37.97 4.94
N ALA A 150 11.01 -36.66 4.71
CA ALA A 150 9.83 -35.80 4.91
C ALA A 150 9.95 -34.49 4.15
N ILE A 151 8.80 -33.88 3.87
CA ILE A 151 8.75 -32.55 3.28
C ILE A 151 8.12 -31.60 4.29
N ILE A 152 8.91 -30.63 4.74
CA ILE A 152 8.48 -29.65 5.73
C ILE A 152 8.56 -28.25 5.09
N THR A 153 7.43 -27.55 5.06
CA THR A 153 7.37 -26.26 4.38
C THR A 153 7.23 -25.08 5.33
N ASN A 154 7.82 -23.96 4.94
CA ASN A 154 7.50 -22.67 5.52
C ASN A 154 6.52 -21.93 4.61
N PRO A 155 5.73 -21.00 5.18
CA PRO A 155 4.70 -20.31 4.39
C PRO A 155 5.19 -19.21 3.44
N ASN A 156 4.24 -18.67 2.69
CA ASN A 156 4.40 -17.45 1.89
C ASN A 156 4.89 -16.30 2.76
N CYS A 157 5.85 -15.53 2.24
CA CYS A 157 6.46 -14.40 2.95
C CYS A 157 5.45 -13.40 3.53
N SER A 158 4.44 -13.05 2.73
CA SER A 158 3.39 -12.13 3.19
C SER A 158 2.56 -12.72 4.32
N THR A 159 2.30 -14.02 4.21
CA THR A 159 1.53 -14.75 5.21
C THR A 159 2.26 -14.80 6.54
N ILE A 160 3.56 -15.09 6.51
CA ILE A 160 4.38 -15.17 7.71
C ILE A 160 4.29 -13.88 8.55
N CYS A 161 4.50 -12.74 7.89
CA CYS A 161 4.46 -11.44 8.55
C CYS A 161 3.17 -11.22 9.30
N ALA A 162 2.05 -11.44 8.61
CA ALA A 162 0.72 -11.26 9.19
C ALA A 162 0.45 -12.26 10.32
N VAL A 163 0.74 -13.54 10.08
CA VAL A 163 0.43 -14.61 11.03
C VAL A 163 1.19 -14.46 12.35
N ILE A 164 2.47 -14.09 12.29
CA ILE A 164 3.25 -13.82 13.49
C ILE A 164 2.59 -12.76 14.39
N THR A 165 2.05 -11.70 13.79
CA THR A 165 1.38 -10.64 14.56
C THR A 165 0.01 -11.08 15.08
N LEU A 166 -0.70 -11.90 14.29
CA LEU A 166 -2.05 -12.34 14.63
C LEU A 166 -2.08 -13.40 15.74
N LYS A 167 -1.03 -14.20 15.83
CA LYS A 167 -0.96 -15.33 16.77
C LYS A 167 -1.16 -14.96 18.26
N PRO A 168 -0.33 -14.04 18.82
CA PRO A 168 -0.56 -13.62 20.21
C PRO A 168 -1.90 -12.93 20.44
N ILE A 169 -2.43 -12.28 19.41
CA ILE A 169 -3.75 -11.64 19.48
C ILE A 169 -4.86 -12.70 19.57
N ASP A 171 -4.58 -15.89 20.63
CA ASP A 171 -4.46 -16.63 21.89
C ASP A 171 -5.18 -15.94 23.04
N LYS A 172 -5.09 -14.62 23.10
CA LYS A 172 -5.64 -13.84 24.20
C LYS A 172 -7.06 -13.33 23.92
N PHE A 173 -7.28 -12.81 22.71
CA PHE A 173 -8.54 -12.12 22.39
C PHE A 173 -9.40 -12.82 21.33
N GLY A 174 -8.84 -13.83 20.68
CA GLY A 174 -9.50 -14.48 19.55
C GLY A 174 -9.54 -13.61 18.30
N LEU A 175 -9.92 -14.21 17.17
CA LEU A 175 -10.01 -13.49 15.91
C LEU A 175 -11.36 -13.70 15.23
N GLU A 176 -11.94 -12.60 14.74
CA GLU A 176 -13.16 -12.65 13.92
C GLU A 176 -12.84 -12.37 12.46
N ALA A 177 -12.21 -11.22 12.20
CA ALA A 177 -11.96 -10.74 10.84
C ALA A 177 -10.66 -9.95 10.73
N VAL A 178 -9.96 -10.14 9.62
CA VAL A 178 -8.70 -9.44 9.36
C VAL A 178 -8.64 -8.92 7.93
N PHE A 179 -8.41 -7.61 7.80
CA PHE A 179 -8.12 -7.00 6.51
C PHE A 179 -6.63 -6.70 6.40
N ILE A 180 -6.03 -7.06 5.28
CA ILE A 180 -4.62 -6.80 5.03
C ILE A 180 -4.41 -6.15 3.66
N ALA A 181 -3.66 -5.06 3.64
CA ALA A 181 -3.18 -4.47 2.39
C ALA A 181 -1.66 -4.42 2.42
N THR A 182 -1.03 -5.03 1.42
CA THR A 182 0.42 -5.18 1.43
C THR A 182 1.10 -4.25 0.41
N GLN A 184 4.65 -4.72 -1.29
CA GLN A 184 5.65 -5.76 -1.33
C GLN A 184 6.89 -5.42 -2.14
N ALA A 185 8.04 -5.72 -1.55
CA ALA A 185 9.34 -5.56 -2.17
C ALA A 185 9.51 -6.50 -3.37
N VAL A 186 10.55 -6.25 -4.18
CA VAL A 186 10.75 -6.96 -5.45
C VAL A 186 11.66 -8.19 -5.39
N SER A 187 12.51 -8.28 -4.36
CA SER A 187 13.57 -9.29 -4.31
C SER A 187 13.07 -10.73 -4.30
N GLY A 188 11.82 -10.92 -3.88
CA GLY A 188 11.19 -12.23 -3.86
C GLY A 188 10.92 -12.84 -5.22
N ALA A 189 10.61 -12.00 -6.20
CA ALA A 189 10.33 -12.46 -7.56
C ALA A 189 11.60 -12.95 -8.28
N GLY A 190 12.75 -12.80 -7.62
CA GLY A 190 14.04 -13.16 -8.22
C GLY A 190 14.68 -11.95 -8.89
N TYR A 191 15.90 -12.13 -9.38
CA TYR A 191 16.63 -11.04 -10.01
C TYR A 191 15.95 -10.56 -11.29
N ASN A 192 15.42 -11.51 -12.06
CA ASN A 192 14.72 -11.19 -13.31
C ASN A 192 13.20 -11.30 -13.16
N GLY A 193 12.70 -10.99 -11.96
CA GLY A 193 11.28 -11.13 -11.67
C GLY A 193 10.46 -9.89 -11.97
N VAL A 194 10.75 -8.81 -11.26
CA VAL A 194 10.03 -7.56 -11.45
C VAL A 194 10.88 -6.64 -12.32
N PRO A 195 10.39 -6.33 -13.53
CA PRO A 195 11.13 -5.41 -14.41
C PRO A 195 11.13 -4.00 -13.85
N SER A 196 12.18 -3.24 -14.16
CA SER A 196 12.35 -1.88 -13.63
C SER A 196 11.15 -0.97 -13.91
N ALA A 198 8.04 -1.78 -14.10
CA ALA A 198 6.88 -2.13 -13.30
C ALA A 198 6.80 -1.25 -12.06
N ILE A 199 7.96 -0.85 -11.53
CA ILE A 199 8.00 -0.12 -10.26
C ILE A 199 8.71 1.24 -10.28
N LEU A 200 9.27 1.62 -11.41
CA LEU A 200 9.91 2.93 -11.54
C LEU A 200 8.82 3.97 -11.77
N ASP A 201 8.64 4.88 -10.82
CA ASP A 201 7.53 5.84 -10.81
C ASP A 201 6.20 5.11 -11.08
N ASN A 202 6.02 3.99 -10.41
CA ASN A 202 4.89 3.10 -10.68
C ASN A 202 4.73 2.08 -9.56
N LEU A 203 3.58 1.41 -9.57
CA LEU A 203 3.36 0.23 -8.74
C LEU A 203 2.37 -0.69 -9.44
N ILE A 204 2.37 -1.96 -9.06
CA ILE A 204 1.43 -2.94 -9.58
C ILE A 204 0.47 -3.35 -8.46
N PRO A 205 -0.85 -3.16 -8.67
CA PRO A 205 -1.83 -3.49 -7.64
C PRO A 205 -2.19 -4.97 -7.65
N PHE A 206 -1.24 -5.83 -8.00
CA PHE A 206 -1.51 -7.24 -8.24
C PHE A 206 -0.23 -8.05 -8.15
N ILE A 207 -0.29 -9.14 -7.39
CA ILE A 207 0.76 -10.16 -7.36
C ILE A 207 0.05 -11.51 -7.43
N LYS A 208 0.29 -12.25 -8.52
CA LYS A 208 -0.45 -13.48 -8.82
C LYS A 208 -0.47 -14.49 -7.66
N ASN A 209 -1.68 -14.86 -7.25
CA ASN A 209 -1.92 -15.86 -6.20
C ASN A 209 -1.56 -15.44 -4.77
N GLU A 210 -1.09 -14.21 -4.59
CA GLU A 210 -0.62 -13.75 -3.29
C GLU A 210 -1.75 -13.61 -2.27
N GLU A 211 -2.87 -13.04 -2.70
CA GLU A 211 -4.02 -12.83 -1.81
C GLU A 211 -4.65 -14.17 -1.42
N GLU A 212 -4.75 -15.07 -2.40
CA GLU A 212 -5.22 -16.44 -2.18
C GLU A 212 -4.39 -17.17 -1.14
N LYS A 213 -3.06 -17.12 -1.29
CA LYS A 213 -2.14 -17.71 -0.32
C LYS A 213 -2.33 -17.15 1.09
N GLN A 215 -4.97 -15.77 2.33
CA GLN A 215 -6.30 -16.10 2.81
C GLN A 215 -6.48 -17.58 3.14
N THR A 216 -5.57 -18.42 2.63
CA THR A 216 -5.66 -19.87 2.85
C THR A 216 -4.59 -20.41 3.79
N GLU A 217 -3.32 -20.05 3.54
CA GLU A 217 -2.19 -20.52 4.36
C GLU A 217 -2.33 -20.12 5.82
N SER A 218 -2.85 -18.91 6.05
CA SER A 218 -3.07 -18.38 7.40
C SER A 218 -3.95 -19.28 8.27
N LEU A 219 -4.98 -19.86 7.65
CA LEU A 219 -5.96 -20.68 8.36
C LEU A 219 -5.38 -22.03 8.79
N LYS A 220 -4.48 -22.57 7.98
CA LYS A 220 -3.74 -23.79 8.33
C LYS A 220 -2.73 -23.53 9.47
N LEU A 221 -1.95 -22.45 9.32
CA LEU A 221 -0.97 -22.05 10.32
C LEU A 221 -1.58 -21.78 11.70
N LEU A 222 -2.76 -21.17 11.70
CA LEU A 222 -3.44 -20.83 12.95
C LEU A 222 -4.52 -21.84 13.32
N GLY A 223 -4.56 -22.97 12.60
CA GLY A 223 -5.51 -24.03 12.87
C GLY A 223 -5.05 -25.01 13.93
N THR A 224 -5.91 -25.97 14.26
CA THR A 224 -5.65 -26.91 15.36
C THR A 224 -5.43 -28.32 14.84
N LEU A 225 -4.27 -28.88 15.17
CA LEU A 225 -3.96 -30.28 14.85
C LEU A 225 -4.85 -31.21 15.68
N LYS A 226 -5.60 -32.06 14.98
CA LYS A 226 -6.53 -32.99 15.61
C LYS A 226 -6.70 -34.23 14.75
N ASP A 227 -6.43 -35.40 15.33
CA ASP A 227 -6.57 -36.70 14.64
C ASP A 227 -5.75 -36.79 13.35
N GLY A 228 -4.51 -36.33 13.40
CA GLY A 228 -3.60 -36.38 12.27
C GLY A 228 -3.93 -35.41 11.13
N LYS A 229 -4.77 -34.42 11.42
CA LYS A 229 -5.16 -33.40 10.46
C LYS A 229 -5.25 -32.03 11.10
N VAL A 230 -4.95 -30.99 10.33
CA VAL A 230 -5.12 -29.62 10.79
C VAL A 230 -6.55 -29.16 10.50
N GLU A 231 -7.25 -28.79 11.55
CA GLU A 231 -8.58 -28.20 11.46
C GLU A 231 -8.38 -26.68 11.28
N LEU A 232 -8.73 -26.18 10.09
CA LEU A 232 -8.50 -24.78 9.73
C LEU A 232 -9.16 -23.79 10.70
N ALA A 233 -8.45 -22.71 11.00
CA ALA A 233 -9.00 -21.61 11.79
C ALA A 233 -10.25 -21.03 11.12
N ASN A 234 -11.13 -20.44 11.91
CA ASN A 234 -12.46 -20.06 11.42
C ASN A 234 -12.71 -18.56 11.30
N PHE A 235 -11.67 -17.76 11.47
CA PHE A 235 -11.80 -16.31 11.29
C PHE A 235 -11.76 -15.95 9.80
N LYS A 236 -12.33 -14.78 9.49
CA LYS A 236 -12.40 -14.29 8.13
C LYS A 236 -11.18 -13.44 7.81
N ILE A 237 -10.69 -13.57 6.58
CA ILE A 237 -9.49 -12.85 6.15
C ILE A 237 -9.59 -12.38 4.70
N SER A 238 -9.30 -11.09 4.48
CA SER A 238 -9.32 -10.51 3.14
C SER A 238 -8.05 -9.68 2.88
N ALA A 239 -7.35 -10.04 1.81
CA ALA A 239 -6.10 -9.38 1.46
C ALA A 239 -6.17 -8.63 0.13
N SER A 240 -5.44 -7.52 0.07
CA SER A 240 -5.16 -6.82 -1.18
C SER A 240 -3.65 -6.65 -1.26
N CYS A 241 -3.06 -7.21 -2.31
CA CYS A 241 -1.61 -7.23 -2.44
C CYS A 241 -1.11 -6.34 -3.56
N ASN A 242 0.03 -5.68 -3.31
CA ASN A 242 0.60 -4.69 -4.23
C ASN A 242 2.10 -4.78 -4.27
N ARG A 243 2.65 -4.50 -5.45
CA ARG A 243 4.10 -4.44 -5.63
C ARG A 243 4.58 -3.00 -5.71
N VAL A 244 5.60 -2.68 -4.92
CA VAL A 244 6.14 -1.32 -4.84
C VAL A 244 7.65 -1.30 -5.08
N ALA A 245 8.21 -0.11 -5.31
CA ALA A 245 9.64 0.07 -5.54
C ALA A 245 10.44 0.01 -4.24
N VAL A 246 10.54 -1.20 -3.69
CA VAL A 246 11.36 -1.49 -2.52
C VAL A 246 12.13 -2.76 -2.85
N ILE A 247 13.41 -2.81 -2.47
CA ILE A 247 14.24 -3.98 -2.75
C ILE A 247 13.90 -5.14 -1.80
N ASP A 248 14.07 -4.90 -0.51
CA ASP A 248 13.76 -5.89 0.54
C ASP A 248 12.82 -5.28 1.56
N GLY A 249 11.87 -6.08 2.05
CA GLY A 249 10.97 -5.65 3.11
C GLY A 249 9.54 -5.50 2.64
N HIS A 250 8.67 -6.38 3.14
CA HIS A 250 7.23 -6.27 2.90
C HIS A 250 6.54 -5.51 4.02
N THR A 251 5.74 -4.52 3.64
CA THR A 251 4.99 -3.71 4.60
C THR A 251 3.51 -4.03 4.46
N GLU A 252 2.84 -4.21 5.59
CA GLU A 252 1.44 -4.60 5.60
C GLU A 252 0.60 -3.68 6.49
N SER A 253 -0.49 -3.17 5.94
CA SER A 253 -1.48 -2.44 6.74
C SER A 253 -2.54 -3.45 7.20
N ILE A 254 -2.61 -3.66 8.50
CA ILE A 254 -3.48 -4.71 9.06
C ILE A 254 -4.58 -4.10 9.93
N PHE A 255 -5.81 -4.55 9.72
CA PHE A 255 -6.98 -4.12 10.50
C PHE A 255 -7.59 -5.36 11.13
N VAL A 256 -7.68 -5.39 12.45
CA VAL A 256 -8.06 -6.61 13.17
C VAL A 256 -9.33 -6.46 14.02
N LYS A 257 -10.27 -7.39 13.82
CA LYS A 257 -11.42 -7.55 14.71
C LYS A 257 -11.22 -8.81 15.56
N THR A 258 -11.13 -8.61 16.86
CA THR A 258 -10.98 -9.71 17.82
C THR A 258 -12.36 -10.23 18.28
N LYS A 259 -12.36 -11.36 18.98
CA LYS A 259 -13.59 -11.90 19.55
C LYS A 259 -14.02 -11.15 20.82
N GLU A 260 -13.09 -11.01 21.77
CA GLU A 260 -13.40 -10.47 23.09
C GLU A 260 -13.39 -8.95 23.14
N GLY A 261 -12.77 -8.32 22.15
CA GLY A 261 -12.57 -6.88 22.15
C GLY A 261 -11.23 -6.57 22.81
N ALA A 262 -10.54 -5.55 22.31
CA ALA A 262 -9.23 -5.18 22.82
C ALA A 262 -8.87 -3.72 22.56
N GLU A 263 -8.09 -3.15 23.47
CA GLU A 263 -7.52 -1.82 23.30
C GLU A 263 -6.15 -1.91 22.63
N PRO A 264 -5.72 -0.84 21.92
CA PRO A 264 -4.39 -0.83 21.28
C PRO A 264 -3.26 -1.23 22.24
N GLU A 265 -3.30 -0.72 23.47
CA GLU A 265 -2.27 -1.00 24.48
C GLU A 265 -2.23 -2.49 24.85
N GLU A 266 -3.40 -3.12 24.87
CA GLU A 266 -3.52 -4.56 25.13
C GLU A 266 -2.93 -5.39 24.00
N ILE A 267 -3.21 -4.97 22.77
CA ILE A 267 -2.66 -5.60 21.56
C ILE A 267 -1.14 -5.45 21.53
N LYS A 268 -0.67 -4.23 21.81
CA LYS A 268 0.76 -3.95 21.91
C LYS A 268 1.45 -4.86 22.94
N GLU A 269 0.79 -5.04 24.09
CA GLU A 269 1.34 -5.85 25.19
C GLU A 269 1.49 -7.33 24.85
N VAL A 270 0.46 -7.94 24.27
CA VAL A 270 0.53 -9.37 23.91
C VAL A 270 1.57 -9.65 22.82
N ASP A 272 4.34 -7.75 22.36
CA ASP A 272 5.62 -7.50 23.00
C ASP A 272 6.06 -8.65 23.91
N LYS A 273 5.08 -9.34 24.49
CA LYS A 273 5.34 -10.48 25.39
C LYS A 273 5.48 -11.81 24.64
N PHE A 274 5.10 -11.82 23.36
CA PHE A 274 5.14 -13.02 22.54
C PHE A 274 6.60 -13.41 22.26
N ASP A 275 7.05 -14.49 22.89
CA ASP A 275 8.46 -14.92 22.80
C ASP A 275 8.65 -16.39 23.19
N PRO A 276 7.94 -17.32 22.50
CA PRO A 276 7.97 -18.74 22.90
C PRO A 276 9.30 -19.47 22.70
N LEU A 277 10.17 -18.94 21.84
CA LEU A 277 11.40 -19.64 21.48
C LEU A 277 12.66 -19.14 22.18
N LYS A 278 12.49 -18.23 23.13
CA LYS A 278 13.62 -17.69 23.87
C LYS A 278 14.30 -18.76 24.73
N ASP A 279 15.58 -18.57 25.00
CA ASP A 279 16.35 -19.48 25.87
C ASP A 279 16.47 -20.92 25.34
N LEU A 280 16.23 -21.10 24.05
CA LEU A 280 16.48 -22.38 23.38
C LEU A 280 17.83 -22.38 22.67
N ASN A 281 18.48 -21.22 22.64
CA ASN A 281 19.75 -21.01 21.93
C ASN A 281 19.73 -21.37 20.44
N LEU A 282 18.57 -21.16 19.81
CA LEU A 282 18.44 -21.29 18.36
C LEU A 282 19.31 -20.22 17.69
N PRO A 283 20.27 -20.63 16.83
CA PRO A 283 21.19 -19.71 16.17
C PRO A 283 20.50 -18.56 15.41
N THR A 284 19.36 -18.84 14.79
CA THR A 284 18.67 -17.87 13.95
C THR A 284 17.50 -17.20 14.70
N TYR A 285 17.47 -17.37 16.02
CA TYR A 285 16.47 -16.72 16.86
C TYR A 285 16.51 -15.19 16.74
N ALA A 286 15.34 -14.58 16.80
CA ALA A 286 15.19 -13.17 17.08
C ALA A 286 13.86 -12.98 17.77
N LYS A 287 13.73 -11.89 18.52
CA LYS A 287 12.44 -11.52 19.10
C LYS A 287 11.39 -11.48 17.98
N PRO A 288 10.28 -12.20 18.16
CA PRO A 288 9.28 -12.31 17.10
C PRO A 288 8.71 -10.97 16.64
N ILE A 289 8.32 -10.12 17.58
CA ILE A 289 7.69 -8.84 17.26
C ILE A 289 8.36 -7.69 18.02
N VAL A 290 8.92 -6.75 17.26
CA VAL A 290 9.54 -5.55 17.82
C VAL A 290 8.61 -4.36 17.61
N ILE A 291 8.22 -3.70 18.70
CA ILE A 291 7.29 -2.57 18.66
C ILE A 291 8.03 -1.24 18.48
N ARG A 292 7.65 -0.48 17.45
CA ARG A 292 8.16 0.88 17.25
C ARG A 292 7.18 1.88 17.85
N GLU A 293 7.71 2.90 18.52
CA GLU A 293 6.89 3.96 19.10
C GLU A 293 6.84 5.23 18.24
N GLU A 294 7.72 5.32 17.25
CA GLU A 294 7.78 6.48 16.35
C GLU A 294 6.53 6.56 15.49
N ILE A 295 6.18 7.79 15.09
CA ILE A 295 4.95 8.05 14.33
C ILE A 295 4.99 7.49 12.90
N ASP A 296 6.19 7.31 12.35
CA ASP A 296 6.34 6.93 10.95
C ASP A 296 7.16 5.65 10.75
N ARG A 297 7.05 4.74 11.71
CA ARG A 297 7.77 3.46 11.67
C ARG A 297 6.78 2.29 11.80
N PRO A 298 7.16 1.11 11.27
CA PRO A 298 8.43 0.75 10.62
C PRO A 298 8.59 1.26 9.19
N GLN A 299 9.84 1.37 8.76
CA GLN A 299 10.18 1.65 7.37
C GLN A 299 11.10 0.53 6.88
N PRO A 300 10.84 0.02 5.65
CA PRO A 300 11.63 -1.09 5.12
C PRO A 300 13.14 -0.89 5.25
N ARG A 301 13.66 0.24 4.77
CA ARG A 301 15.11 0.43 4.79
C ARG A 301 15.68 0.57 6.20
N LEU A 302 14.92 1.17 7.11
CA LEU A 302 15.40 1.40 8.48
C LEU A 302 15.29 0.18 9.38
N ASP A 303 14.30 -0.68 9.13
CA ASP A 303 13.90 -1.68 10.10
C ASP A 303 14.01 -3.15 9.66
N ARG A 304 14.26 -3.40 8.39
CA ARG A 304 14.26 -4.78 7.88
C ARG A 304 15.39 -5.65 8.41
N ASN A 305 16.50 -5.01 8.82
CA ASN A 305 17.64 -5.71 9.43
C ASN A 305 17.39 -6.08 10.91
N GLU A 306 16.27 -5.62 11.48
CA GLU A 306 15.94 -5.90 12.88
C GLU A 306 15.94 -7.40 13.16
N GLY A 307 16.70 -7.80 14.18
CA GLY A 307 16.88 -9.21 14.53
C GLY A 307 17.59 -9.97 13.42
N ASN A 308 18.47 -9.27 12.70
CA ASN A 308 19.15 -9.78 11.51
C ASN A 308 18.18 -10.26 10.41
N GLY A 309 17.03 -9.62 10.33
CA GLY A 309 16.02 -9.93 9.32
C GLY A 309 14.97 -10.92 9.80
N SER A 311 13.14 -10.54 12.93
CA SER A 311 12.08 -9.90 13.70
C SER A 311 11.04 -9.27 12.78
N ILE A 312 9.76 -9.46 13.12
CA ILE A 312 8.69 -8.68 12.53
C ILE A 312 8.65 -7.35 13.28
N VAL A 313 8.59 -6.26 12.54
CA VAL A 313 8.57 -4.93 13.16
C VAL A 313 7.19 -4.32 12.98
N VAL A 314 6.59 -3.93 14.10
CA VAL A 314 5.23 -3.41 14.12
C VAL A 314 5.23 -2.00 14.69
N GLY A 315 4.46 -1.11 14.07
CA GLY A 315 4.32 0.27 14.54
C GLY A 315 2.92 0.79 14.33
N ARG A 316 2.67 1.99 14.85
CA ARG A 316 1.39 2.70 14.68
C ARG A 316 0.16 1.90 15.16
N ILE A 317 0.33 1.12 16.22
CA ILE A 317 -0.79 0.41 16.85
C ILE A 317 -1.75 1.45 17.43
N ARG A 318 -2.98 1.45 16.92
CA ARG A 318 -3.96 2.46 17.26
C ARG A 318 -5.38 1.92 17.10
N LYS A 319 -6.35 2.65 17.65
CA LYS A 319 -7.76 2.26 17.56
C LYS A 319 -8.26 2.25 16.13
N ASP A 320 -9.11 1.28 15.81
CA ASP A 320 -9.81 1.25 14.54
C ASP A 320 -11.26 1.69 14.72
N PRO A 321 -11.72 2.64 13.89
CA PRO A 321 -13.13 3.10 13.92
C PRO A 321 -14.16 2.02 13.61
N ILE A 322 -13.73 0.92 12.98
CA ILE A 322 -14.65 -0.13 12.57
C ILE A 322 -14.41 -1.41 13.36
N PHE A 323 -13.19 -1.94 13.28
CA PHE A 323 -12.78 -3.12 14.03
C PHE A 323 -12.17 -2.67 15.36
N ASP A 324 -11.24 -3.45 15.91
CA ASP A 324 -10.64 -3.12 17.20
C ASP A 324 -9.34 -2.33 17.05
N VAL A 325 -8.44 -2.84 16.21
CA VAL A 325 -7.09 -2.29 16.12
C VAL A 325 -6.58 -2.29 14.67
N LYS A 326 -5.80 -1.26 14.33
CA LYS A 326 -5.03 -1.25 13.10
C LYS A 326 -3.57 -0.93 13.40
N TYR A 327 -2.69 -1.48 12.57
CA TYR A 327 -1.25 -1.33 12.75
C TYR A 327 -0.50 -1.64 11.46
N THR A 328 0.78 -1.27 11.43
CA THR A 328 1.66 -1.55 10.31
C THR A 328 2.70 -2.57 10.71
N ALA A 329 2.84 -3.62 9.91
CA ALA A 329 3.83 -4.67 10.15
C ALA A 329 4.86 -4.73 9.01
N LEU A 330 6.12 -4.96 9.37
CA LEU A 330 7.21 -5.10 8.39
C LEU A 330 7.96 -6.41 8.56
N GLU A 331 8.27 -7.05 7.44
CA GLU A 331 9.07 -8.27 7.43
C GLU A 331 10.15 -8.21 6.38
N HIS A 332 11.35 -8.68 6.72
CA HIS A 332 12.34 -8.97 5.69
C HIS A 332 11.89 -10.20 4.91
N ASN A 333 11.46 -9.96 3.68
CA ASN A 333 10.75 -10.97 2.89
C ASN A 333 11.59 -12.17 2.46
N THR A 334 12.92 -12.03 2.45
CA THR A 334 13.79 -13.12 2.01
C THR A 334 14.45 -13.86 3.18
N ILE A 335 14.50 -13.20 4.33
CA ILE A 335 15.06 -13.83 5.53
C ILE A 335 13.92 -14.48 6.32
N ARG A 336 13.26 -13.74 7.21
CA ARG A 336 12.08 -14.26 7.91
C ARG A 336 11.02 -14.80 6.93
N GLY A 337 10.89 -14.17 5.78
CA GLY A 337 9.85 -14.53 4.81
C GLY A 337 10.12 -15.77 3.98
N ALA A 338 11.35 -16.26 3.98
CA ALA A 338 11.74 -17.39 3.12
C ALA A 338 12.87 -18.26 3.69
N ALA A 339 14.12 -17.88 3.42
CA ALA A 339 15.29 -18.70 3.79
C ALA A 339 15.45 -18.88 5.30
N GLY A 340 15.31 -17.78 6.05
CA GLY A 340 15.39 -17.82 7.50
C GLY A 340 14.26 -18.62 8.13
N ALA A 341 13.09 -18.56 7.49
CA ALA A 341 11.93 -19.33 7.91
C ALA A 341 12.19 -20.84 7.94
N SER A 342 12.84 -21.35 6.89
CA SER A 342 13.19 -22.77 6.79
C SER A 342 14.41 -23.17 7.64
N VAL A 343 15.40 -22.28 7.72
CA VAL A 343 16.57 -22.52 8.58
C VAL A 343 16.12 -22.63 10.05
N LEU A 344 15.24 -21.72 10.47
CA LEU A 344 14.68 -21.77 11.83
C LEU A 344 13.88 -23.06 12.06
N ASN A 345 13.11 -23.47 11.06
CA ASN A 345 12.38 -24.74 11.10
C ASN A 345 13.31 -25.90 11.40
N ALA A 346 14.44 -25.96 10.69
CA ALA A 346 15.43 -27.02 10.84
C ALA A 346 16.18 -26.96 12.17
N GLU A 347 16.44 -25.75 12.66
CA GLU A 347 17.10 -25.57 13.95
C GLU A 347 16.20 -26.08 15.06
N TYR A 348 14.93 -25.67 15.02
CA TYR A 348 13.92 -26.15 15.95
C TYR A 348 13.79 -27.66 15.86
N PHE A 349 13.84 -28.19 14.64
CA PHE A 349 13.70 -29.63 14.39
C PHE A 349 14.72 -30.47 15.15
N VAL A 350 16.00 -30.09 15.10
CA VAL A 350 17.02 -30.88 15.80
C VAL A 350 17.02 -30.63 17.31
N LYS A 351 16.67 -29.40 17.72
CA LYS A 351 16.68 -29.01 19.12
C LYS A 351 15.43 -29.43 19.90
N LYS A 352 14.34 -29.72 19.20
CA LYS A 352 13.05 -29.98 19.85
C LYS A 352 12.32 -31.22 19.35
N TYR A 353 12.42 -31.52 18.06
CA TYR A 353 11.64 -32.62 17.49
C TYR A 353 12.28 -34.00 17.62
N ILE A 354 13.57 -34.11 17.29
CA ILE A 354 14.24 -35.42 17.36
C ILE A 354 14.42 -35.92 18.79
N LYS B 8 -13.73 36.43 -21.58
CA LYS B 8 -13.49 35.44 -20.54
C LYS B 8 -13.53 36.06 -19.16
N ILE B 9 -13.91 35.27 -18.16
CA ILE B 9 -13.81 35.68 -16.77
C ILE B 9 -12.33 35.66 -16.38
N LYS B 10 -11.85 36.78 -15.84
CA LYS B 10 -10.45 36.90 -15.45
C LYS B 10 -10.19 36.19 -14.13
N VAL B 11 -9.15 35.35 -14.12
CA VAL B 11 -8.84 34.54 -12.95
C VAL B 11 -7.40 34.75 -12.44
N GLY B 12 -7.20 34.47 -11.16
CA GLY B 12 -5.89 34.53 -10.53
C GLY B 12 -5.56 33.23 -9.81
N VAL B 13 -4.26 33.03 -9.53
CA VAL B 13 -3.81 31.85 -8.78
C VAL B 13 -2.94 32.26 -7.58
N LEU B 14 -3.32 31.79 -6.40
CA LEU B 14 -2.55 31.99 -5.17
C LEU B 14 -1.67 30.77 -4.94
N GLY B 15 -0.40 31.02 -4.61
CA GLY B 15 0.58 29.95 -4.48
C GLY B 15 0.91 29.34 -5.84
N ALA B 16 1.11 30.20 -6.82
CA ALA B 16 1.24 29.80 -8.22
C ALA B 16 2.52 29.02 -8.56
N THR B 17 3.56 29.19 -7.75
CA THR B 17 4.88 28.61 -8.02
C THR B 17 5.06 27.19 -7.49
N GLY B 18 4.17 26.77 -6.59
CA GLY B 18 4.26 25.46 -5.97
C GLY B 18 3.65 24.35 -6.79
N SER B 19 3.62 23.15 -6.22
CA SER B 19 3.17 21.94 -6.90
C SER B 19 1.76 22.04 -7.51
N VAL B 20 0.79 22.45 -6.68
CA VAL B 20 -0.61 22.62 -7.12
C VAL B 20 -0.74 23.81 -8.05
N GLY B 21 -0.01 24.88 -7.72
CA GLY B 21 -0.03 26.12 -8.50
C GLY B 21 0.34 25.90 -9.95
N GLN B 22 1.36 25.07 -10.17
CA GLN B 22 1.83 24.71 -11.51
C GLN B 22 0.76 23.95 -12.29
N ARG B 23 0.00 23.11 -11.61
CA ARG B 23 -1.10 22.41 -12.24
C ARG B 23 -2.28 23.34 -12.53
N PHE B 24 -2.52 24.31 -11.64
CA PHE B 24 -3.49 25.38 -11.91
C PHE B 24 -3.09 26.12 -13.18
N VAL B 25 -1.80 26.50 -13.26
CA VAL B 25 -1.25 27.21 -14.42
C VAL B 25 -1.45 26.45 -15.74
N GLN B 26 -1.19 25.14 -15.72
CA GLN B 26 -1.39 24.29 -16.90
C GLN B 26 -2.84 24.29 -17.35
N LEU B 27 -3.74 24.21 -16.38
CA LEU B 27 -5.17 24.13 -16.64
C LEU B 27 -5.79 25.45 -17.11
N LEU B 28 -5.20 26.57 -16.71
CA LEU B 28 -5.81 27.89 -16.93
C LEU B 28 -5.12 28.74 -18.00
N ALA B 29 -3.95 28.31 -18.45
CA ALA B 29 -3.19 29.04 -19.46
C ALA B 29 -3.97 29.19 -20.76
N ASP B 30 -4.67 28.13 -21.15
CA ASP B 30 -5.51 28.13 -22.34
C ASP B 30 -6.84 27.44 -21.99
N HIS B 31 -7.81 28.26 -21.59
CA HIS B 31 -9.09 27.80 -21.07
C HIS B 31 -10.21 28.59 -21.74
N PRO B 32 -11.30 27.91 -22.17
CA PRO B 32 -12.39 28.60 -22.90
C PRO B 32 -13.24 29.59 -22.08
N PHE B 34 -11.97 30.89 -18.73
CA PHE B 34 -11.13 31.64 -17.80
C PHE B 34 -9.86 32.14 -18.46
N GLU B 35 -9.48 33.37 -18.13
CA GLU B 35 -8.24 33.97 -18.60
C GLU B 35 -7.33 34.20 -17.39
N LEU B 36 -6.15 33.58 -17.42
CA LEU B 36 -5.19 33.72 -16.33
C LEU B 36 -4.46 35.06 -16.45
N THR B 37 -4.76 35.96 -15.53
CA THR B 37 -4.19 37.31 -15.58
C THR B 37 -3.34 37.67 -14.36
N ALA B 38 -3.47 36.88 -13.29
CA ALA B 38 -2.73 37.15 -12.06
C ALA B 38 -2.12 35.90 -11.44
N LEU B 39 -0.84 36.00 -11.10
CA LEU B 39 -0.10 34.91 -10.46
C LEU B 39 0.53 35.43 -9.18
N ALA B 40 0.16 34.82 -8.05
CA ALA B 40 0.63 35.28 -6.74
C ALA B 40 1.46 34.22 -6.02
N ALA B 41 2.46 34.69 -5.27
CA ALA B 41 3.31 33.83 -4.45
C ALA B 41 3.86 34.64 -3.26
N SER B 42 4.99 34.20 -2.70
CA SER B 42 5.62 34.90 -1.59
C SER B 42 6.35 36.16 -2.06
N GLU B 43 6.84 36.94 -1.10
CA GLU B 43 7.58 38.18 -1.37
C GLU B 43 8.83 37.94 -2.23
N ARG B 44 9.48 36.79 -2.02
CA ARG B 44 10.69 36.42 -2.77
C ARG B 44 10.39 36.30 -4.26
N SER B 45 9.30 35.62 -4.59
CA SER B 45 8.90 35.40 -5.98
C SER B 45 8.28 36.63 -6.63
N ALA B 46 7.67 37.49 -5.82
CA ALA B 46 7.01 38.71 -6.30
C ALA B 46 8.02 39.65 -6.99
N GLY B 47 7.73 40.01 -8.23
CA GLY B 47 8.60 40.86 -9.02
C GLY B 47 9.25 40.17 -10.20
N LYS B 48 9.45 38.85 -10.07
CA LYS B 48 10.10 38.05 -11.11
C LYS B 48 9.10 37.50 -12.13
N LYS B 49 9.60 37.18 -13.32
CA LYS B 49 8.84 36.42 -14.30
C LYS B 49 8.54 35.03 -13.74
N TYR B 50 7.40 34.46 -14.11
CA TYR B 50 6.99 33.15 -13.59
C TYR B 50 8.06 32.07 -13.80
N LYS B 51 8.67 32.06 -14.98
CA LYS B 51 9.71 31.09 -15.30
C LYS B 51 10.91 31.13 -14.35
N ASP B 52 11.16 32.32 -13.78
CA ASP B 52 12.28 32.53 -12.87
C ASP B 52 11.90 32.29 -11.41
N ALA B 53 10.70 32.74 -11.04
CA ALA B 53 10.20 32.58 -9.67
C ALA B 53 9.87 31.13 -9.34
N CYS B 54 9.35 30.41 -10.34
CA CYS B 54 8.93 29.02 -10.16
C CYS B 54 10.03 28.04 -10.56
N TYR B 55 10.36 27.11 -9.66
CA TYR B 55 11.14 25.95 -10.04
C TYR B 55 10.16 24.91 -10.60
N TRP B 56 9.98 24.98 -11.91
CA TRP B 56 9.02 24.15 -12.63
C TRP B 56 9.52 22.72 -12.73
N PHE B 57 8.69 21.77 -12.30
CA PHE B 57 9.06 20.36 -12.33
C PHE B 57 8.02 19.46 -13.02
N GLN B 58 7.27 20.03 -13.95
CA GLN B 58 6.33 19.26 -14.76
C GLN B 58 7.05 18.70 -16.00
N ASP B 59 6.58 17.56 -16.48
CA ASP B 59 7.18 16.90 -17.65
C ASP B 59 6.77 17.53 -18.98
N ARG B 60 5.91 18.55 -18.91
CA ARG B 60 5.62 19.44 -20.01
C ARG B 60 6.09 20.85 -19.64
N ASP B 61 6.61 21.57 -20.62
CA ASP B 61 7.18 22.90 -20.40
C ASP B 61 6.10 23.90 -19.94
N ILE B 62 6.54 24.96 -19.26
CA ILE B 62 5.65 26.05 -18.86
C ILE B 62 4.92 26.57 -20.10
N PRO B 63 3.59 26.74 -20.00
CA PRO B 63 2.84 27.35 -21.11
C PRO B 63 3.45 28.68 -21.53
N GLU B 64 3.64 28.87 -22.84
CA GLU B 64 4.40 30.01 -23.38
C GLU B 64 3.89 31.38 -22.96
N ASN B 65 2.56 31.52 -22.90
CA ASN B 65 1.93 32.80 -22.54
C ASN B 65 2.05 33.17 -21.05
N ILE B 66 2.53 32.22 -20.24
CA ILE B 66 2.65 32.42 -18.79
C ILE B 66 4.10 32.65 -18.35
N LYS B 67 5.05 32.16 -19.15
CA LYS B 67 6.49 32.21 -18.83
C LYS B 67 6.95 33.59 -18.35
N ASP B 68 6.56 34.64 -19.07
CA ASP B 68 7.03 35.99 -18.80
C ASP B 68 6.07 36.82 -17.94
N VAL B 70 4.64 38.38 -14.86
CA VAL B 70 5.30 38.80 -13.62
C VAL B 70 4.45 38.43 -12.39
N VAL B 71 5.07 37.70 -11.47
CA VAL B 71 4.42 37.28 -10.22
C VAL B 71 4.22 38.49 -9.31
N ILE B 72 3.05 38.56 -8.68
CA ILE B 72 2.68 39.66 -7.79
C ILE B 72 2.56 39.17 -6.35
N PRO B 73 2.60 40.08 -5.36
CA PRO B 73 2.41 39.65 -3.97
C PRO B 73 0.98 39.18 -3.70
N THR B 74 0.82 38.37 -2.66
CA THR B 74 -0.49 37.86 -2.26
C THR B 74 -1.22 38.97 -1.49
N ASP B 75 -1.85 39.86 -2.25
CA ASP B 75 -2.51 41.04 -1.73
C ASP B 75 -3.79 41.27 -2.53
N PRO B 76 -4.95 41.11 -1.88
CA PRO B 76 -6.25 41.23 -2.55
C PRO B 76 -6.54 42.61 -3.16
N LYS B 77 -5.95 43.66 -2.59
CA LYS B 77 -6.17 45.02 -3.10
C LYS B 77 -5.08 45.52 -4.07
N HIS B 78 -4.16 44.64 -4.44
CA HIS B 78 -3.17 44.93 -5.48
C HIS B 78 -3.90 45.20 -6.80
N GLU B 79 -3.36 46.11 -7.61
CA GLU B 79 -4.05 46.56 -8.82
C GLU B 79 -4.24 45.48 -9.88
N GLU B 80 -3.40 44.44 -9.85
CA GLU B 80 -3.51 43.32 -10.80
C GLU B 80 -4.65 42.38 -10.43
N PHE B 81 -5.11 42.45 -9.19
CA PHE B 81 -6.24 41.66 -8.71
C PHE B 81 -7.60 42.38 -8.87
N GLU B 82 -7.56 43.69 -9.09
CA GLU B 82 -8.77 44.52 -9.18
C GLU B 82 -9.84 43.97 -10.12
N ASP B 83 -9.43 43.55 -11.32
CA ASP B 83 -10.37 43.08 -12.33
C ASP B 83 -10.56 41.55 -12.35
N VAL B 84 -9.85 40.83 -11.50
CA VAL B 84 -10.04 39.38 -11.44
C VAL B 84 -11.21 39.01 -10.53
N ASP B 85 -12.03 38.09 -11.00
CA ASP B 85 -13.25 37.72 -10.27
C ASP B 85 -13.15 36.38 -9.56
N ILE B 86 -12.34 35.47 -10.09
CA ILE B 86 -12.16 34.14 -9.52
C ILE B 86 -10.69 33.90 -9.18
N VAL B 87 -10.44 33.55 -7.92
CA VAL B 87 -9.09 33.27 -7.45
C VAL B 87 -8.98 31.81 -7.00
N PHE B 88 -8.04 31.10 -7.62
CA PHE B 88 -7.75 29.71 -7.25
C PHE B 88 -6.61 29.67 -6.23
N SER B 89 -6.83 28.94 -5.15
CA SER B 89 -5.86 28.94 -4.04
C SER B 89 -5.11 27.62 -3.90
N ALA B 90 -3.79 27.71 -3.97
CA ALA B 90 -2.90 26.60 -3.71
C ALA B 90 -1.99 26.93 -2.52
N LEU B 91 -2.51 27.77 -1.62
CA LEU B 91 -1.76 28.22 -0.45
C LEU B 91 -1.64 27.12 0.60
N PRO B 92 -0.53 27.12 1.38
CA PRO B 92 -0.48 26.28 2.58
C PRO B 92 -1.61 26.69 3.54
N SER B 93 -2.07 25.74 4.32
CA SER B 93 -3.26 25.92 5.17
C SER B 93 -3.23 27.16 6.06
N ASP B 94 -2.09 27.43 6.70
CA ASP B 94 -1.98 28.57 7.63
C ASP B 94 -2.06 29.94 6.93
N LEU B 95 -1.56 30.00 5.70
CA LEU B 95 -1.66 31.22 4.90
C LEU B 95 -3.04 31.38 4.28
N ALA B 96 -3.73 30.26 4.09
CA ALA B 96 -5.09 30.25 3.56
C ALA B 96 -6.08 30.82 4.58
N LYS B 97 -5.88 30.50 5.85
CA LYS B 97 -6.69 31.07 6.93
C LYS B 97 -6.62 32.60 6.97
N LYS B 98 -5.46 33.13 6.62
CA LYS B 98 -5.25 34.57 6.60
C LYS B 98 -5.79 35.21 5.31
N PHE B 99 -5.27 34.75 4.17
CA PHE B 99 -5.48 35.44 2.89
C PHE B 99 -6.84 35.21 2.23
N GLU B 100 -7.38 34.00 2.35
CA GLU B 100 -8.63 33.64 1.66
C GLU B 100 -9.86 34.49 2.05
N PRO B 101 -10.07 34.74 3.37
CA PRO B 101 -11.11 35.68 3.78
C PRO B 101 -10.92 37.10 3.24
N GLU B 102 -9.66 37.54 3.15
CA GLU B 102 -9.33 38.87 2.60
C GLU B 102 -9.81 39.00 1.16
N PHE B 103 -9.57 37.96 0.35
CA PHE B 103 -10.02 37.95 -1.05
C PHE B 103 -11.55 37.87 -1.17
N ALA B 104 -12.17 37.11 -0.26
CA ALA B 104 -13.63 36.98 -0.22
C ALA B 104 -14.31 38.31 0.14
N LYS B 105 -13.69 39.07 1.04
CA LYS B 105 -14.16 40.40 1.42
C LYS B 105 -14.04 41.41 0.28
N GLU B 106 -13.16 41.11 -0.68
CA GLU B 106 -13.00 41.95 -1.87
C GLU B 106 -14.00 41.57 -2.96
N GLY B 107 -14.89 40.62 -2.65
CA GLY B 107 -15.95 40.20 -3.57
C GLY B 107 -15.54 39.09 -4.52
N LYS B 108 -14.34 38.54 -4.32
CA LYS B 108 -13.81 37.50 -5.21
C LYS B 108 -14.25 36.10 -4.79
N LEU B 109 -14.45 35.25 -5.79
CA LEU B 109 -14.76 33.84 -5.55
C LEU B 109 -13.46 33.05 -5.38
N ILE B 110 -13.30 32.46 -4.20
CA ILE B 110 -12.11 31.66 -3.89
C ILE B 110 -12.41 30.18 -4.11
N PHE B 111 -11.60 29.54 -4.93
CA PHE B 111 -11.66 28.09 -5.09
C PHE B 111 -10.35 27.49 -4.57
N SER B 112 -10.45 26.82 -3.42
CA SER B 112 -9.28 26.50 -2.61
C SER B 112 -9.04 25.00 -2.42
N ASN B 113 -7.77 24.62 -2.52
CA ASN B 113 -7.30 23.26 -2.25
C ASN B 113 -6.73 23.14 -0.83
N ALA B 114 -6.58 24.28 -0.16
CA ALA B 114 -6.11 24.30 1.24
C ALA B 114 -7.15 23.73 2.20
N SER B 115 -6.67 23.04 3.23
CA SER B 115 -7.53 22.37 4.20
C SER B 115 -8.21 23.34 5.17
N ALA B 116 -7.72 24.57 5.22
CA ALA B 116 -8.15 25.56 6.20
C ALA B 116 -9.67 25.63 6.44
N TYR B 117 -10.43 25.87 5.38
CA TYR B 117 -11.88 26.11 5.50
C TYR B 117 -12.79 24.94 5.16
N ARG B 118 -12.21 23.78 4.86
CA ARG B 118 -12.96 22.60 4.43
C ARG B 118 -14.07 22.18 5.38
N GLU B 120 -15.47 23.98 7.91
CA GLU B 120 -16.35 25.04 8.39
C GLU B 120 -17.75 24.76 7.89
N GLU B 121 -18.73 24.95 8.77
CA GLU B 121 -20.12 24.56 8.48
C GLU B 121 -20.80 25.37 7.38
N ASP B 122 -20.32 26.58 7.13
CA ASP B 122 -20.85 27.43 6.07
C ASP B 122 -19.97 27.44 4.81
N VAL B 123 -19.00 26.52 4.75
CA VAL B 123 -18.13 26.40 3.59
C VAL B 123 -18.40 25.10 2.83
N PRO B 124 -18.71 25.20 1.53
CA PRO B 124 -18.91 24.01 0.71
C PRO B 124 -17.61 23.23 0.55
N LEU B 125 -17.68 21.92 0.74
CA LEU B 125 -16.57 21.00 0.47
C LEU B 125 -17.06 20.10 -0.67
N VAL B 126 -16.64 20.41 -1.89
CA VAL B 126 -17.35 19.92 -3.07
C VAL B 126 -16.52 19.14 -4.09
N ILE B 127 -17.08 18.02 -4.52
CA ILE B 127 -16.75 17.35 -5.79
C ILE B 127 -18.04 17.44 -6.61
N PRO B 128 -17.99 18.10 -7.79
CA PRO B 128 -19.22 18.40 -8.54
C PRO B 128 -20.07 17.17 -8.87
N GLU B 129 -19.44 16.03 -9.11
CA GLU B 129 -20.14 14.77 -9.39
C GLU B 129 -20.87 14.22 -8.15
N VAL B 130 -20.40 14.60 -6.96
CA VAL B 130 -20.88 14.01 -5.72
C VAL B 130 -21.92 14.86 -5.00
N ASN B 131 -21.57 16.11 -4.69
CA ASN B 131 -22.39 16.96 -3.83
C ASN B 131 -22.46 18.41 -4.31
N ALA B 132 -22.75 18.58 -5.60
CA ALA B 132 -22.88 19.91 -6.21
C ALA B 132 -23.85 20.83 -5.46
N ASP B 133 -24.93 20.25 -4.92
CA ASP B 133 -25.96 20.98 -4.18
C ASP B 133 -25.45 21.65 -2.91
N HIS B 134 -24.30 21.21 -2.39
CA HIS B 134 -23.70 21.82 -1.21
C HIS B 134 -23.16 23.23 -1.48
N LEU B 135 -23.09 23.61 -2.75
CA LEU B 135 -22.74 24.98 -3.15
C LEU B 135 -23.82 25.99 -2.74
N GLU B 136 -24.99 25.49 -2.34
CA GLU B 136 -26.05 26.34 -1.78
C GLU B 136 -25.64 27.01 -0.47
N LEU B 137 -24.57 26.48 0.16
CA LEU B 137 -24.04 27.04 1.41
C LEU B 137 -23.44 28.43 1.27
N ILE B 138 -23.18 28.86 0.04
CA ILE B 138 -22.59 30.17 -0.22
C ILE B 138 -23.55 31.32 0.10
N GLU B 139 -24.84 31.12 -0.19
CA GLU B 139 -25.89 32.04 0.26
C GLU B 139 -25.83 32.23 1.77
N ILE B 140 -25.72 31.11 2.49
CA ILE B 140 -25.63 31.10 3.94
C ILE B 140 -24.33 31.74 4.42
N GLN B 141 -23.23 31.40 3.74
CA GLN B 141 -21.90 31.94 4.05
C GLN B 141 -21.88 33.46 3.96
N ARG B 142 -22.42 34.00 2.87
CA ARG B 142 -22.46 35.45 2.65
C ARG B 142 -23.24 36.22 3.73
N GLU B 143 -24.30 35.61 4.25
CA GLU B 143 -25.10 36.21 5.32
C GLU B 143 -24.35 36.22 6.66
N LYS B 144 -23.72 35.10 6.99
CA LYS B 144 -23.05 34.94 8.29
C LYS B 144 -21.67 35.61 8.34
N ARG B 145 -20.97 35.64 7.21
CA ARG B 145 -19.63 36.22 7.13
C ARG B 145 -19.65 37.71 6.78
N GLY B 146 -20.69 38.12 6.05
CA GLY B 146 -20.87 39.52 5.69
C GLY B 146 -20.09 39.98 4.47
N TRP B 147 -19.54 39.04 3.72
CA TRP B 147 -18.85 39.38 2.46
C TRP B 147 -19.69 38.95 1.25
N ASP B 148 -19.42 39.57 0.10
CA ASP B 148 -20.15 39.22 -1.12
C ASP B 148 -19.33 38.32 -2.07
N GLY B 149 -18.14 37.95 -1.63
CA GLY B 149 -17.36 36.92 -2.31
C GLY B 149 -17.77 35.55 -1.82
N ALA B 150 -16.88 34.57 -1.95
CA ALA B 150 -17.15 33.21 -1.48
C ALA B 150 -15.87 32.39 -1.33
N ILE B 151 -15.89 31.48 -0.37
CA ILE B 151 -14.86 30.45 -0.26
C ILE B 151 -15.49 29.10 -0.56
N ILE B 152 -15.01 28.45 -1.61
CA ILE B 152 -15.41 27.09 -1.96
C ILE B 152 -14.16 26.23 -1.92
N THR B 153 -14.22 25.13 -1.19
CA THR B 153 -13.06 24.24 -1.07
C THR B 153 -13.28 22.93 -1.82
N ASN B 154 -12.19 22.40 -2.36
CA ASN B 154 -12.16 21.01 -2.81
C ASN B 154 -11.51 20.15 -1.72
N PRO B 155 -11.85 18.86 -1.68
CA PRO B 155 -11.33 17.99 -0.62
C PRO B 155 -9.86 17.58 -0.77
N ASN B 156 -9.37 16.91 0.26
CA ASN B 156 -8.08 16.21 0.26
C ASN B 156 -8.02 15.20 -0.90
N CYS B 157 -6.87 15.13 -1.57
CA CYS B 157 -6.68 14.28 -2.75
C CYS B 157 -7.07 12.81 -2.55
N SER B 158 -6.60 12.20 -1.46
CA SER B 158 -6.94 10.81 -1.15
C SER B 158 -8.45 10.63 -0.93
N THR B 159 -9.08 11.65 -0.34
CA THR B 159 -10.51 11.63 -0.04
C THR B 159 -11.35 11.68 -1.32
N ILE B 160 -10.98 12.56 -2.25
CA ILE B 160 -11.67 12.67 -3.54
C ILE B 160 -11.72 11.33 -4.28
N CYS B 161 -10.57 10.65 -4.33
CA CYS B 161 -10.45 9.37 -5.01
C CYS B 161 -11.45 8.34 -4.48
N ALA B 162 -11.46 8.17 -3.16
CA ALA B 162 -12.35 7.22 -2.50
C ALA B 162 -13.81 7.60 -2.68
N VAL B 163 -14.12 8.87 -2.42
CA VAL B 163 -15.51 9.36 -2.42
C VAL B 163 -16.19 9.24 -3.78
N ILE B 164 -15.47 9.56 -4.85
CA ILE B 164 -16.02 9.41 -6.20
C ILE B 164 -16.49 7.98 -6.46
N THR B 165 -15.68 7.00 -6.04
CA THR B 165 -16.03 5.59 -6.24
C THR B 165 -17.17 5.13 -5.32
N LEU B 166 -17.21 5.71 -4.12
CA LEU B 166 -18.21 5.33 -3.10
C LEU B 166 -19.59 5.91 -3.38
N LYS B 167 -19.65 7.08 -4.02
CA LYS B 167 -20.91 7.79 -4.26
C LYS B 167 -21.99 6.97 -5.02
N PRO B 168 -21.68 6.47 -6.23
CA PRO B 168 -22.69 5.65 -6.94
C PRO B 168 -23.07 4.37 -6.20
N ILE B 169 -22.13 3.80 -5.44
CA ILE B 169 -22.39 2.64 -4.59
C ILE B 169 -23.39 2.99 -3.50
N ASP B 171 -25.60 5.47 -3.37
CA ASP B 171 -26.91 5.80 -3.94
C ASP B 171 -27.75 4.55 -4.19
N LYS B 172 -27.12 3.51 -4.70
CA LYS B 172 -27.79 2.28 -5.11
C LYS B 172 -27.91 1.26 -3.96
N PHE B 173 -26.81 1.05 -3.23
CA PHE B 173 -26.73 -0.04 -2.25
C PHE B 173 -26.54 0.41 -0.81
N GLY B 174 -26.30 1.71 -0.61
CA GLY B 174 -26.01 2.24 0.73
C GLY B 174 -24.62 1.88 1.20
N LEU B 175 -24.18 2.47 2.31
CA LEU B 175 -22.87 2.19 2.88
C LEU B 175 -22.96 1.88 4.37
N GLU B 176 -22.26 0.84 4.80
CA GLU B 176 -22.11 0.51 6.21
C GLU B 176 -20.71 0.81 6.70
N ALA B 177 -19.72 0.21 6.04
CA ALA B 177 -18.31 0.32 6.46
C ALA B 177 -17.35 0.29 5.28
N VAL B 178 -16.30 1.11 5.36
CA VAL B 178 -15.27 1.16 4.31
C VAL B 178 -13.86 1.15 4.90
N PHE B 179 -13.05 0.18 4.46
CA PHE B 179 -11.61 0.17 4.75
C PHE B 179 -10.83 0.65 3.53
N ILE B 180 -9.84 1.51 3.78
CA ILE B 180 -8.98 2.04 2.72
C ILE B 180 -7.52 2.02 3.15
N ALA B 181 -6.67 1.46 2.30
CA ALA B 181 -5.22 1.55 2.45
C ALA B 181 -4.66 2.26 1.23
N THR B 182 -3.94 3.36 1.44
CA THR B 182 -3.44 4.15 0.32
C THR B 182 -1.95 3.95 0.07
N GLN B 184 0.57 6.46 -1.70
CA GLN B 184 0.50 7.84 -2.20
C GLN B 184 1.79 8.35 -2.79
N ALA B 185 1.63 9.05 -3.92
CA ALA B 185 2.70 9.72 -4.64
C ALA B 185 3.28 10.88 -3.83
N VAL B 186 4.42 11.38 -4.29
CA VAL B 186 5.18 12.42 -3.56
C VAL B 186 4.86 13.85 -4.00
N SER B 187 4.29 14.02 -5.20
CA SER B 187 4.14 15.35 -5.82
C SER B 187 3.36 16.39 -5.02
N GLY B 188 2.31 15.95 -4.32
CA GLY B 188 1.47 16.85 -3.53
C GLY B 188 2.19 17.52 -2.37
N ALA B 189 3.25 16.88 -1.87
CA ALA B 189 4.02 17.43 -0.76
C ALA B 189 4.92 18.60 -1.19
N GLY B 190 4.94 18.90 -2.49
CA GLY B 190 5.78 19.95 -3.04
C GLY B 190 7.14 19.44 -3.46
N TYR B 191 7.88 20.26 -4.21
CA TYR B 191 9.20 19.87 -4.71
C TYR B 191 10.17 19.48 -3.59
N ASN B 192 10.12 20.22 -2.49
CA ASN B 192 10.97 19.94 -1.32
C ASN B 192 10.19 19.30 -0.18
N GLY B 193 9.16 18.53 -0.53
CA GLY B 193 8.30 17.90 0.46
C GLY B 193 8.83 16.56 0.93
N VAL B 194 8.90 15.59 0.02
CA VAL B 194 9.38 14.25 0.37
C VAL B 194 10.83 14.09 -0.09
N PRO B 195 11.75 13.92 0.87
CA PRO B 195 13.17 13.71 0.56
C PRO B 195 13.37 12.42 -0.20
N SER B 196 14.40 12.36 -1.04
CA SER B 196 14.69 11.15 -1.82
C SER B 196 14.87 9.92 -0.95
N ALA B 198 13.46 9.20 1.82
CA ALA B 198 12.20 8.76 2.42
C ALA B 198 11.57 7.64 1.58
N ILE B 199 11.82 7.65 0.27
CA ILE B 199 11.16 6.72 -0.65
C ILE B 199 12.09 5.91 -1.56
N LEU B 200 13.39 6.20 -1.50
CA LEU B 200 14.34 5.43 -2.30
C LEU B 200 14.63 4.12 -1.58
N ASP B 201 14.25 3.00 -2.21
CA ASP B 201 14.31 1.67 -1.58
C ASP B 201 13.64 1.69 -0.20
N ASN B 202 12.50 2.38 -0.13
CA ASN B 202 11.83 2.66 1.13
C ASN B 202 10.40 3.11 0.89
N LEU B 203 9.62 3.12 1.96
CA LEU B 203 8.31 3.75 1.99
C LEU B 203 8.03 4.23 3.40
N ILE B 204 7.05 5.12 3.54
CA ILE B 204 6.69 5.66 4.86
C ILE B 204 5.23 5.34 5.17
N PRO B 205 4.98 4.59 6.27
CA PRO B 205 3.64 4.14 6.60
C PRO B 205 2.82 5.20 7.35
N PHE B 206 3.00 6.46 6.97
CA PHE B 206 2.46 7.59 7.70
C PHE B 206 2.49 8.83 6.81
N ILE B 207 1.36 9.54 6.75
CA ILE B 207 1.28 10.88 6.21
C ILE B 207 0.43 11.69 7.19
N LYS B 208 1.05 12.69 7.82
CA LYS B 208 0.42 13.45 8.90
C LYS B 208 -0.98 13.94 8.53
N ASN B 209 -1.96 13.58 9.36
CA ASN B 209 -3.37 14.01 9.25
C ASN B 209 -4.16 13.43 8.08
N GLU B 210 -3.51 12.62 7.24
CA GLU B 210 -4.15 12.11 6.02
C GLU B 210 -5.32 11.17 6.32
N GLU B 211 -5.13 10.26 7.27
CA GLU B 211 -6.18 9.32 7.68
C GLU B 211 -7.37 10.05 8.34
N GLU B 212 -7.06 11.04 9.17
CA GLU B 212 -8.10 11.86 9.81
C GLU B 212 -8.93 12.62 8.77
N LYS B 213 -8.26 13.19 7.77
CA LYS B 213 -8.93 13.90 6.69
C LYS B 213 -9.86 12.98 5.91
N GLN B 215 -11.20 10.18 6.93
CA GLN B 215 -12.25 9.68 7.81
C GLN B 215 -13.32 10.73 8.15
N THR B 216 -13.00 12.02 7.95
CA THR B 216 -13.92 13.10 8.30
C THR B 216 -14.50 13.84 7.10
N GLU B 217 -13.64 14.24 6.16
CA GLU B 217 -14.07 14.95 4.95
C GLU B 217 -15.06 14.14 4.13
N SER B 218 -14.89 12.82 4.11
CA SER B 218 -15.78 11.89 3.41
C SER B 218 -17.22 11.96 3.90
N LEU B 219 -17.39 12.12 5.21
CA LEU B 219 -18.70 12.15 5.83
C LEU B 219 -19.48 13.42 5.46
N LYS B 220 -18.77 14.54 5.32
CA LYS B 220 -19.37 15.79 4.87
C LYS B 220 -19.73 15.76 3.38
N LEU B 221 -18.81 15.26 2.56
CA LEU B 221 -19.02 15.12 1.12
C LEU B 221 -20.24 14.26 0.78
N LEU B 222 -20.38 13.15 1.50
CA LEU B 222 -21.48 12.22 1.27
C LEU B 222 -22.66 12.49 2.22
N GLY B 223 -22.61 13.63 2.90
CA GLY B 223 -23.68 14.05 3.81
C GLY B 223 -24.85 14.72 3.10
N THR B 224 -25.85 15.10 3.89
CA THR B 224 -27.07 15.72 3.35
C THR B 224 -27.21 17.16 3.83
N LEU B 225 -27.37 18.08 2.88
CA LEU B 225 -27.68 19.47 3.21
C LEU B 225 -29.12 19.55 3.70
N LYS B 226 -29.28 20.07 4.91
CA LYS B 226 -30.59 20.11 5.57
C LYS B 226 -30.63 21.30 6.52
N ASP B 227 -31.59 22.20 6.28
CA ASP B 227 -31.77 23.41 7.10
C ASP B 227 -30.48 24.21 7.27
N GLY B 228 -29.84 24.50 6.15
CA GLY B 228 -28.65 25.35 6.12
C GLY B 228 -27.36 24.73 6.63
N LYS B 229 -27.39 23.42 6.91
CA LYS B 229 -26.21 22.71 7.39
C LYS B 229 -26.10 21.35 6.71
N VAL B 230 -24.86 20.87 6.59
CA VAL B 230 -24.62 19.53 6.09
C VAL B 230 -24.69 18.53 7.26
N GLU B 231 -25.60 17.59 7.13
CA GLU B 231 -25.76 16.52 8.10
C GLU B 231 -24.87 15.35 7.68
N LEU B 232 -23.81 15.11 8.46
CA LEU B 232 -22.80 14.11 8.14
C LEU B 232 -23.37 12.74 7.84
N ALA B 233 -22.75 12.03 6.90
CA ALA B 233 -23.09 10.64 6.59
C ALA B 233 -22.74 9.74 7.78
N ASN B 234 -23.43 8.61 7.89
CA ASN B 234 -23.38 7.78 9.09
C ASN B 234 -22.61 6.46 8.98
N PHE B 235 -22.09 6.16 7.79
CA PHE B 235 -21.30 4.95 7.58
C PHE B 235 -19.93 5.07 8.26
N LYS B 236 -19.32 3.92 8.55
CA LYS B 236 -18.02 3.87 9.21
C LYS B 236 -16.88 3.79 8.19
N ILE B 237 -15.77 4.45 8.51
CA ILE B 237 -14.64 4.54 7.60
C ILE B 237 -13.30 4.47 8.37
N SER B 238 -12.41 3.59 7.90
CA SER B 238 -11.08 3.46 8.49
C SER B 238 -10.02 3.47 7.40
N ALA B 239 -9.05 4.37 7.54
CA ALA B 239 -8.00 4.55 6.55
C ALA B 239 -6.61 4.26 7.12
N SER B 240 -5.73 3.77 6.24
CA SER B 240 -4.32 3.61 6.55
C SER B 240 -3.54 4.17 5.37
N CYS B 241 -2.73 5.19 5.62
CA CYS B 241 -2.09 5.93 4.55
C CYS B 241 -0.59 5.72 4.51
N ASN B 242 -0.06 5.63 3.30
CA ASN B 242 1.34 5.31 3.07
C ASN B 242 1.91 6.12 1.92
N ARG B 243 3.17 6.50 2.06
CA ARG B 243 3.89 7.22 1.02
C ARG B 243 4.88 6.28 0.31
N VAL B 244 4.77 6.22 -1.01
CA VAL B 244 5.61 5.34 -1.84
C VAL B 244 6.36 6.12 -2.93
N ALA B 245 7.29 5.43 -3.58
CA ALA B 245 8.12 6.02 -4.64
C ALA B 245 7.37 6.11 -5.96
N VAL B 246 6.39 7.02 -6.02
CA VAL B 246 5.66 7.33 -7.24
C VAL B 246 5.63 8.86 -7.33
N ILE B 247 5.82 9.41 -8.52
CA ILE B 247 5.79 10.87 -8.71
C ILE B 247 4.36 11.42 -8.62
N ASP B 248 3.50 10.95 -9.52
CA ASP B 248 2.09 11.36 -9.57
C ASP B 248 1.22 10.11 -9.55
N GLY B 249 0.08 10.19 -8.86
CA GLY B 249 -0.90 9.11 -8.84
C GLY B 249 -1.01 8.41 -7.50
N HIS B 250 -2.15 8.58 -6.84
CA HIS B 250 -2.44 7.88 -5.59
C HIS B 250 -3.26 6.63 -5.85
N THR B 251 -2.78 5.51 -5.31
CA THR B 251 -3.45 4.21 -5.46
C THR B 251 -4.08 3.81 -4.13
N GLU B 252 -5.32 3.33 -4.18
CA GLU B 252 -6.06 2.98 -2.98
C GLU B 252 -6.66 1.58 -3.05
N SER B 253 -6.37 0.77 -2.03
CA SER B 253 -7.03 -0.52 -1.85
C SER B 253 -8.27 -0.29 -1.00
N ILE B 254 -9.44 -0.52 -1.59
CA ILE B 254 -10.71 -0.19 -0.95
C ILE B 254 -11.57 -1.44 -0.73
N PHE B 255 -12.08 -1.60 0.48
CA PHE B 255 -12.93 -2.71 0.87
C PHE B 255 -14.26 -2.15 1.37
N VAL B 256 -15.36 -2.54 0.73
CA VAL B 256 -16.66 -1.89 0.96
C VAL B 256 -17.76 -2.84 1.45
N LYS B 257 -18.40 -2.46 2.55
CA LYS B 257 -19.61 -3.12 3.01
C LYS B 257 -20.80 -2.20 2.74
N THR B 258 -21.74 -2.68 1.92
CA THR B 258 -22.93 -1.94 1.57
C THR B 258 -24.07 -2.27 2.54
N LYS B 259 -25.15 -1.48 2.50
CA LYS B 259 -26.33 -1.76 3.31
C LYS B 259 -27.15 -2.91 2.75
N GLU B 260 -27.33 -2.91 1.43
CA GLU B 260 -28.23 -3.84 0.76
C GLU B 260 -27.57 -5.13 0.27
N GLY B 261 -26.24 -5.19 0.35
CA GLY B 261 -25.51 -6.31 -0.24
C GLY B 261 -25.43 -6.13 -1.76
N ALA B 262 -24.26 -6.43 -2.32
CA ALA B 262 -24.03 -6.22 -3.76
C ALA B 262 -22.98 -7.16 -4.30
N GLU B 263 -23.19 -7.62 -5.53
CA GLU B 263 -22.21 -8.43 -6.25
C GLU B 263 -21.19 -7.51 -6.93
N PRO B 264 -19.97 -8.03 -7.21
CA PRO B 264 -18.94 -7.24 -7.91
C PRO B 264 -19.41 -6.68 -9.25
N GLU B 265 -20.20 -7.44 -9.99
CA GLU B 265 -20.72 -7.01 -11.30
C GLU B 265 -21.69 -5.85 -11.17
N GLU B 266 -22.44 -5.82 -10.06
CA GLU B 266 -23.39 -4.77 -9.76
C GLU B 266 -22.68 -3.47 -9.38
N ILE B 267 -21.60 -3.61 -8.62
CA ILE B 267 -20.73 -2.49 -8.23
C ILE B 267 -20.07 -1.88 -9.46
N LYS B 268 -19.52 -2.73 -10.32
CA LYS B 268 -18.91 -2.31 -11.58
C LYS B 268 -19.89 -1.49 -12.42
N GLU B 269 -21.14 -1.97 -12.49
CA GLU B 269 -22.19 -1.35 -13.28
C GLU B 269 -22.55 0.07 -12.83
N VAL B 270 -22.76 0.25 -11.52
CA VAL B 270 -23.11 1.57 -10.98
C VAL B 270 -21.98 2.60 -11.17
N ASP B 272 -19.64 2.46 -13.64
CA ASP B 272 -19.53 2.69 -15.06
C ASP B 272 -20.62 3.63 -15.59
N LYS B 273 -21.82 3.53 -15.01
CA LYS B 273 -22.95 4.36 -15.39
C LYS B 273 -22.97 5.72 -14.71
N PHE B 274 -22.11 5.89 -13.71
CA PHE B 274 -22.01 7.14 -12.95
C PHE B 274 -21.43 8.26 -13.81
N ASP B 275 -22.27 9.22 -14.19
CA ASP B 275 -21.88 10.30 -15.10
C ASP B 275 -22.83 11.50 -14.99
N PRO B 276 -22.91 12.13 -13.80
CA PRO B 276 -23.90 13.20 -13.60
C PRO B 276 -23.63 14.51 -14.34
N LEU B 277 -22.41 14.71 -14.83
CA LEU B 277 -22.03 16.00 -15.41
C LEU B 277 -21.89 16.00 -16.94
N LYS B 278 -22.30 14.89 -17.57
CA LYS B 278 -22.06 14.68 -19.01
C LYS B 278 -22.64 15.75 -19.96
N ASP B 279 -23.76 16.35 -19.59
CA ASP B 279 -24.45 17.31 -20.49
C ASP B 279 -24.19 18.77 -20.14
N LEU B 280 -23.33 19.02 -19.16
CA LEU B 280 -23.11 20.35 -18.62
C LEU B 280 -22.08 21.20 -19.38
N ASN B 281 -21.42 20.59 -20.36
CA ASN B 281 -20.44 21.30 -21.21
C ASN B 281 -19.30 21.94 -20.40
N LEU B 282 -18.83 21.24 -19.37
CA LEU B 282 -17.73 21.72 -18.55
C LEU B 282 -16.39 21.41 -19.22
N PRO B 283 -15.56 22.44 -19.45
CA PRO B 283 -14.26 22.29 -20.12
C PRO B 283 -13.36 21.20 -19.52
N THR B 284 -13.34 21.08 -18.20
CA THR B 284 -12.46 20.12 -17.52
C THR B 284 -13.16 18.76 -17.25
N TYR B 285 -14.33 18.57 -17.85
CA TYR B 285 -15.07 17.32 -17.75
C TYR B 285 -14.24 16.10 -18.16
N ALA B 286 -14.45 15.00 -17.43
CA ALA B 286 -14.02 13.67 -17.85
C ALA B 286 -14.98 12.66 -17.20
N LYS B 287 -15.10 11.49 -17.82
CA LYS B 287 -15.86 10.40 -17.23
C LYS B 287 -15.32 10.14 -15.82
N PRO B 288 -16.20 10.19 -14.79
CA PRO B 288 -15.77 10.11 -13.39
C PRO B 288 -14.99 8.83 -13.05
N ILE B 289 -15.46 7.69 -13.55
CA ILE B 289 -14.84 6.40 -13.23
C ILE B 289 -14.62 5.57 -14.50
N VAL B 290 -13.36 5.22 -14.77
CA VAL B 290 -13.01 4.35 -15.89
C VAL B 290 -12.64 2.98 -15.34
N ILE B 291 -13.35 1.95 -15.80
CA ILE B 291 -13.15 0.59 -15.33
C ILE B 291 -12.09 -0.13 -16.17
N ARG B 292 -11.07 -0.68 -15.51
CA ARG B 292 -10.09 -1.53 -16.17
C ARG B 292 -10.43 -2.99 -15.95
N GLU B 293 -10.33 -3.77 -17.02
CA GLU B 293 -10.61 -5.21 -16.96
C GLU B 293 -9.34 -6.07 -16.83
N GLU B 294 -8.17 -5.44 -16.99
CA GLU B 294 -6.89 -6.16 -16.87
C GLU B 294 -6.64 -6.61 -15.43
N ILE B 295 -5.89 -7.68 -15.28
CA ILE B 295 -5.63 -8.27 -13.97
C ILE B 295 -4.75 -7.37 -13.06
N ASP B 296 -3.90 -6.56 -13.69
CA ASP B 296 -2.89 -5.79 -12.96
C ASP B 296 -3.02 -4.28 -13.14
N ARG B 297 -4.26 -3.82 -13.27
CA ARG B 297 -4.55 -2.40 -13.46
C ARG B 297 -5.59 -1.92 -12.45
N PRO B 298 -5.58 -0.60 -12.13
CA PRO B 298 -4.76 0.49 -12.68
C PRO B 298 -3.33 0.55 -12.16
N GLN B 299 -2.45 1.15 -12.95
CA GLN B 299 -1.09 1.46 -12.52
C GLN B 299 -0.88 2.96 -12.68
N PRO B 300 -0.28 3.61 -11.68
CA PRO B 300 -0.10 5.08 -11.72
C PRO B 300 0.47 5.57 -13.05
N ARG B 301 1.59 5.02 -13.49
CA ARG B 301 2.23 5.52 -14.71
C ARG B 301 1.41 5.30 -15.97
N LEU B 302 0.68 4.19 -16.04
CA LEU B 302 -0.09 3.85 -17.23
C LEU B 302 -1.45 4.55 -17.28
N ASP B 303 -2.01 4.88 -16.12
CA ASP B 303 -3.42 5.26 -16.06
C ASP B 303 -3.74 6.67 -15.52
N ARG B 304 -2.75 7.36 -14.96
CA ARG B 304 -3.01 8.67 -14.32
C ARG B 304 -3.41 9.78 -15.30
N ASN B 305 -3.06 9.62 -16.58
CA ASN B 305 -3.43 10.59 -17.61
C ASN B 305 -4.86 10.36 -18.15
N GLU B 306 -5.54 9.33 -17.65
CA GLU B 306 -6.92 9.04 -18.06
C GLU B 306 -7.83 10.24 -17.81
N GLY B 307 -8.52 10.67 -18.87
CA GLY B 307 -9.37 11.86 -18.84
C GLY B 307 -8.57 13.11 -18.51
N ASN B 308 -7.35 13.17 -19.04
CA ASN B 308 -6.38 14.24 -18.76
C ASN B 308 -6.15 14.47 -17.26
N GLY B 309 -6.19 13.38 -16.50
CA GLY B 309 -5.95 13.42 -15.06
C GLY B 309 -7.20 13.63 -14.22
N SER B 311 -10.18 11.58 -14.55
CA SER B 311 -10.91 10.33 -14.31
C SER B 311 -10.28 9.53 -13.19
N ILE B 312 -11.12 8.99 -12.32
CA ILE B 312 -10.68 7.97 -11.38
C ILE B 312 -10.66 6.66 -12.18
N VAL B 313 -9.63 5.86 -11.97
CA VAL B 313 -9.49 4.60 -12.68
C VAL B 313 -9.60 3.47 -11.67
N VAL B 314 -10.52 2.55 -11.92
CA VAL B 314 -10.80 1.46 -11.00
C VAL B 314 -10.55 0.12 -11.69
N GLY B 315 -9.94 -0.82 -10.96
CA GLY B 315 -9.72 -2.16 -11.47
C GLY B 315 -9.83 -3.20 -10.38
N ARG B 316 -9.78 -4.47 -10.79
CA ARG B 316 -9.78 -5.61 -9.87
C ARG B 316 -11.01 -5.67 -8.96
N ILE B 317 -12.16 -5.20 -9.47
CA ILE B 317 -13.42 -5.28 -8.73
C ILE B 317 -13.77 -6.75 -8.55
N ARG B 318 -13.82 -7.20 -7.30
CA ARG B 318 -14.00 -8.61 -6.98
C ARG B 318 -14.70 -8.80 -5.63
N LYS B 319 -15.19 -10.01 -5.38
CA LYS B 319 -15.82 -10.36 -4.11
C LYS B 319 -14.86 -10.24 -2.94
N ASP B 320 -15.34 -9.67 -1.84
CA ASP B 320 -14.60 -9.66 -0.59
C ASP B 320 -15.11 -10.76 0.33
N PRO B 321 -14.19 -11.58 0.89
CA PRO B 321 -14.54 -12.65 1.84
C PRO B 321 -15.27 -12.15 3.10
N ILE B 322 -15.05 -10.90 3.48
CA ILE B 322 -15.60 -10.34 4.71
C ILE B 322 -16.75 -9.38 4.42
N PHE B 323 -16.46 -8.34 3.63
CA PHE B 323 -17.47 -7.36 3.24
C PHE B 323 -18.11 -7.78 1.93
N ASP B 324 -18.55 -6.80 1.12
CA ASP B 324 -19.18 -7.10 -0.16
C ASP B 324 -18.19 -7.12 -1.32
N VAL B 325 -17.40 -6.06 -1.44
CA VAL B 325 -16.54 -5.86 -2.59
C VAL B 325 -15.21 -5.21 -2.20
N LYS B 326 -14.15 -5.56 -2.92
CA LYS B 326 -12.88 -4.86 -2.83
C LYS B 326 -12.38 -4.53 -4.23
N TYR B 327 -11.63 -3.43 -4.33
CA TYR B 327 -11.13 -2.96 -5.62
C TYR B 327 -9.97 -1.98 -5.44
N THR B 328 -9.29 -1.70 -6.54
CA THR B 328 -8.19 -0.74 -6.56
C THR B 328 -8.62 0.51 -7.32
N ALA B 329 -8.36 1.67 -6.73
CA ALA B 329 -8.69 2.95 -7.36
C ALA B 329 -7.45 3.81 -7.53
N LEU B 330 -7.33 4.46 -8.68
CA LEU B 330 -6.23 5.40 -8.94
C LEU B 330 -6.76 6.79 -9.24
N GLU B 331 -6.06 7.79 -8.72
CA GLU B 331 -6.37 9.18 -8.98
C GLU B 331 -5.08 9.94 -9.25
N HIS B 332 -5.11 10.82 -10.26
CA HIS B 332 -4.05 11.79 -10.40
C HIS B 332 -4.21 12.79 -9.25
N ASN B 333 -3.32 12.67 -8.27
CA ASN B 333 -3.45 13.37 -6.98
C ASN B 333 -3.39 14.89 -7.08
N THR B 334 -2.87 15.36 -8.21
CA THR B 334 -2.52 16.74 -8.39
C THR B 334 -3.48 17.45 -9.37
N ILE B 335 -4.13 16.67 -10.22
CA ILE B 335 -5.16 17.21 -11.10
C ILE B 335 -6.53 17.00 -10.44
N ARG B 336 -7.13 15.81 -10.61
CA ARG B 336 -8.39 15.50 -9.96
C ARG B 336 -8.33 15.68 -8.44
N GLY B 337 -7.17 15.41 -7.85
CA GLY B 337 -7.01 15.51 -6.41
C GLY B 337 -6.83 16.91 -5.85
N ALA B 338 -6.63 17.90 -6.72
CA ALA B 338 -6.38 19.27 -6.26
C ALA B 338 -6.78 20.36 -7.26
N ALA B 339 -5.85 20.72 -8.16
CA ALA B 339 -6.05 21.84 -9.08
C ALA B 339 -7.25 21.63 -9.99
N GLY B 340 -7.35 20.44 -10.57
CA GLY B 340 -8.49 20.09 -11.42
C GLY B 340 -9.81 20.05 -10.65
N ALA B 341 -9.74 19.62 -9.40
CA ALA B 341 -10.91 19.61 -8.51
C ALA B 341 -11.49 21.01 -8.33
N SER B 342 -10.63 22.00 -8.09
CA SER B 342 -11.06 23.39 -7.91
C SER B 342 -11.48 24.07 -9.22
N VAL B 343 -10.79 23.73 -10.31
CA VAL B 343 -11.14 24.28 -11.63
C VAL B 343 -12.53 23.77 -12.07
N LEU B 344 -12.78 22.47 -11.90
CA LEU B 344 -14.10 21.90 -12.19
C LEU B 344 -15.17 22.51 -11.29
N ASN B 345 -14.84 22.72 -10.01
CA ASN B 345 -15.72 23.43 -9.07
C ASN B 345 -16.13 24.80 -9.58
N ALA B 346 -15.14 25.57 -10.05
CA ALA B 346 -15.37 26.92 -10.57
C ALA B 346 -16.16 26.93 -11.88
N GLU B 347 -15.87 25.99 -12.77
CA GLU B 347 -16.60 25.88 -14.03
C GLU B 347 -18.07 25.60 -13.76
N TYR B 348 -18.33 24.66 -12.87
CA TYR B 348 -19.69 24.30 -12.47
C TYR B 348 -20.38 25.47 -11.78
N PHE B 349 -19.64 26.17 -10.91
CA PHE B 349 -20.20 27.26 -10.13
C PHE B 349 -20.71 28.42 -10.99
N VAL B 350 -19.96 28.84 -12.00
CA VAL B 350 -20.42 29.97 -12.81
C VAL B 350 -21.59 29.60 -13.71
N LYS B 351 -21.68 28.31 -14.07
CA LYS B 351 -22.81 27.82 -14.88
C LYS B 351 -24.11 27.73 -14.09
N LYS B 352 -24.01 27.29 -12.83
CA LYS B 352 -25.19 26.93 -12.04
C LYS B 352 -25.47 27.80 -10.82
N TYR B 353 -24.47 28.59 -10.40
CA TYR B 353 -24.62 29.41 -9.20
C TYR B 353 -24.18 30.86 -9.43
N ILE B 354 -24.20 31.65 -8.35
CA ILE B 354 -23.85 33.06 -8.44
C ILE B 354 -23.21 33.56 -7.13
#